data_5YND
#
_entry.id   5YND
#
_cell.length_a   88.773
_cell.length_b   88.773
_cell.length_c   298.379
_cell.angle_alpha   90.00
_cell.angle_beta   90.00
_cell.angle_gamma   90.00
#
_symmetry.space_group_name_H-M   'P 43 21 2'
#
loop_
_entity.id
_entity.type
_entity.pdbx_description
1 polymer 'DUF3372 domain-containing protein'
2 branched alpha-D-glucopyranose-(1-4)-alpha-D-glucopyranose-(1-4)-alpha-D-glucopyranose-(1-4)-alpha-D-glucopyranose
3 non-polymer 'CALCIUM ION'
4 non-polymer DI(HYDROXYETHYL)ETHER
5 non-polymer GLYCEROL
6 water water
#
_entity_poly.entity_id   1
_entity_poly.type   'polypeptide(L)'
_entity_poly.pdbx_seq_one_letter_code
;MLRYTCHALFLGSLVLLSGCDNSSSSSTSGSPGSPGNPGNPGTPGTPDPQDVVVRLPDVAVPGEAVQASARQAVIHLVDI
AGITSSTPADYATKNLYLWNNETCDALSAPVADWNDVSTTPTGSDKYGPYWVIPLTKESGCINVIVRDGTNKLIDSDLRV
SFSDFTDRTVSVIAGNSAVYDSRADAFRAAFGVALADAHWVDKTTLLWPGGENKPIVRLYYSHSSKVAADSNGEFSDKYV
KLTPTTVNQQVSMRFPHLASYPAFKLPDDVNVDELLQGETVAIAAESDGILSSATQVQTAGVLDDTYAAAAEALSYGAQL
TDSGVTFRVWAPTAQQVELVIYSADKKVIASHPMTRDSASGAWSWQGGSDLKGAFYRYAMTVYHPQSRKVEQYEVTDPYA
HSLSTNSEYSQVVDLNDSALKPEGWDGLTMPHAQKTKADLAKMTIHESHIRDLSAWDQTVPAELRGKYLALTAQESNMVQ
HLKQLSASGVTHIELLPVFDLATVNEFSDKVADIQQPFSRLCEVNSAVKSSEFAGYCDSGSTVEEVLTQLKQNDSKDNPQ
VQALNTLVAQTDSYNWGYDPFHYTVPEGSYATDPEGTARIKEFRTMIQAIKQDLGMNVIMDVVYNHTNAAGPTDRTSVLD
KIVPWYYQRLNETTGSVESATCCSDSAPEHRMFAKLIADSLAVWTTDYKIDGFRFDLMLYHPKAQILSAWERIKALNPDI
YFFGEGWDSNQSDRFEIASQINLKGTGIGTFSDRLRDAVRGGGPFDSGDALRQNQGVGSGAGVLPNELTTLSDDQARHLA
DLTRLGMAGNLADFVLIDKDGAVKRGSEIDYNGAPGGYAADPTEVVNYVSKHDNQTLWDMISYKAAQEADLDTRVRMQAV
SLATVMLGQGIAFDQQGSELLRSKSFTRDSYDSGDWFNRVDYSLQDNNYNVGMPRSSDDGSNYDIIARVKDAVATPGETE
LKQMTAFYQELTALRKSSPLFTLGDGATVMKRVDFRNTGADQQTGLLVMTIDDGMQAGASLDSRVDGIVVAINAAPESRT
LQDFAGTSLQLSAIQQAAGDRSLASGVQVAADGSVTLPAWSVAVLELPQGESQGAGLPVSSK
;
_entity_poly.pdbx_strand_id   A
#
loop_
_chem_comp.id
_chem_comp.type
_chem_comp.name
_chem_comp.formula
CA non-polymer 'CALCIUM ION' 'Ca 2'
GLC D-saccharide, alpha linking alpha-D-glucopyranose 'C6 H12 O6'
GOL non-polymer GLYCEROL 'C3 H8 O3'
PEG non-polymer DI(HYDROXYETHYL)ETHER 'C4 H10 O3'
#
# COMPACT_ATOMS: atom_id res chain seq x y z
N ASP A 48 -27.87 -22.80 -35.30
CA ASP A 48 -28.30 -24.19 -35.20
C ASP A 48 -29.77 -24.34 -35.58
N PRO A 49 -30.08 -25.41 -36.35
CA PRO A 49 -31.46 -25.62 -36.82
C PRO A 49 -32.49 -25.62 -35.68
N GLN A 50 -32.50 -26.71 -34.92
CA GLN A 50 -33.33 -26.82 -33.73
C GLN A 50 -32.65 -26.04 -32.59
N ASP A 51 -33.18 -26.22 -31.38
CA ASP A 51 -32.81 -25.56 -30.12
C ASP A 51 -33.39 -24.16 -30.05
N VAL A 52 -33.65 -23.70 -28.83
CA VAL A 52 -34.58 -22.61 -28.57
C VAL A 52 -33.92 -21.26 -28.80
N VAL A 53 -34.73 -20.27 -29.17
CA VAL A 53 -34.27 -18.90 -29.35
C VAL A 53 -34.51 -18.16 -28.03
N VAL A 54 -33.42 -17.75 -27.38
CA VAL A 54 -33.54 -17.02 -26.13
C VAL A 54 -34.07 -15.62 -26.41
N ARG A 55 -35.06 -15.19 -25.63
CA ARG A 55 -35.75 -13.95 -25.93
C ARG A 55 -36.23 -13.29 -24.64
N LEU A 56 -36.46 -11.99 -24.73
CA LEU A 56 -37.11 -11.24 -23.68
C LEU A 56 -38.50 -11.80 -23.41
N PRO A 57 -39.08 -11.49 -22.25
CA PRO A 57 -40.52 -11.71 -22.08
C PRO A 57 -41.29 -10.94 -23.14
N ASP A 58 -42.29 -11.60 -23.74
CA ASP A 58 -43.07 -10.97 -24.78
C ASP A 58 -44.01 -9.93 -24.19
N VAL A 59 -43.45 -8.78 -23.78
CA VAL A 59 -44.20 -7.72 -23.14
C VAL A 59 -43.42 -6.43 -23.31
N ALA A 60 -44.14 -5.31 -23.41
CA ALA A 60 -43.51 -4.01 -23.57
C ALA A 60 -42.57 -3.70 -22.43
N VAL A 61 -41.59 -2.84 -22.70
CA VAL A 61 -40.77 -2.26 -21.65
C VAL A 61 -41.67 -1.28 -20.89
N PRO A 62 -41.86 -1.50 -19.59
CA PRO A 62 -42.91 -0.77 -18.88
C PRO A 62 -42.60 0.71 -18.72
N GLY A 63 -43.67 1.51 -18.75
CA GLY A 63 -43.59 2.90 -18.33
C GLY A 63 -43.92 3.04 -16.86
N GLU A 64 -44.07 4.30 -16.44
CA GLU A 64 -44.46 4.61 -15.07
C GLU A 64 -45.98 4.46 -14.91
N ALA A 65 -46.39 3.73 -13.88
CA ALA A 65 -47.83 3.55 -13.62
C ALA A 65 -48.48 4.87 -13.21
N VAL A 66 -47.87 5.60 -12.27
CA VAL A 66 -48.31 6.94 -11.87
C VAL A 66 -47.07 7.78 -11.57
N GLN A 67 -47.28 9.08 -11.40
CA GLN A 67 -46.23 10.01 -11.03
C GLN A 67 -46.67 10.80 -9.81
N ALA A 68 -45.73 10.99 -8.87
CA ALA A 68 -46.04 11.67 -7.62
C ALA A 68 -46.41 13.12 -7.88
N SER A 69 -47.41 13.62 -7.14
CA SER A 69 -47.76 15.02 -7.12
C SER A 69 -47.12 15.67 -5.89
N ALA A 70 -47.57 16.88 -5.56
CA ALA A 70 -47.05 17.61 -4.42
C ALA A 70 -47.18 16.80 -3.14
N ARG A 71 -46.24 17.03 -2.22
CA ARG A 71 -46.16 16.36 -0.93
C ARG A 71 -46.44 14.86 -1.04
N GLN A 72 -45.95 14.24 -2.11
CA GLN A 72 -46.15 12.83 -2.39
C GLN A 72 -44.84 12.23 -2.88
N ALA A 73 -44.68 10.93 -2.63
CA ALA A 73 -43.68 10.10 -3.30
C ALA A 73 -44.36 8.82 -3.74
N VAL A 74 -43.80 8.15 -4.74
CA VAL A 74 -44.40 6.97 -5.36
C VAL A 74 -43.33 5.88 -5.50
N ILE A 75 -43.68 4.65 -5.13
CA ILE A 75 -42.79 3.52 -5.26
C ILE A 75 -43.50 2.43 -6.04
N HIS A 76 -42.84 1.90 -7.09
CA HIS A 76 -43.34 0.77 -7.86
C HIS A 76 -42.59 -0.49 -7.48
N LEU A 77 -43.29 -1.60 -7.38
CA LEU A 77 -42.66 -2.90 -7.28
C LEU A 77 -42.82 -3.60 -8.62
N VAL A 78 -41.71 -3.78 -9.32
CA VAL A 78 -41.74 -4.43 -10.62
C VAL A 78 -41.76 -5.93 -10.37
N ASP A 79 -42.95 -6.52 -10.46
CA ASP A 79 -43.11 -7.96 -10.24
C ASP A 79 -42.55 -8.75 -11.41
N ILE A 80 -41.27 -9.09 -11.33
CA ILE A 80 -40.63 -9.86 -12.41
C ILE A 80 -41.37 -11.17 -12.66
N ALA A 81 -41.68 -11.89 -11.58
CA ALA A 81 -42.32 -13.20 -11.73
C ALA A 81 -43.72 -13.09 -12.31
N GLY A 82 -44.48 -12.09 -11.89
CA GLY A 82 -45.80 -11.88 -12.45
C GLY A 82 -45.81 -11.17 -13.78
N ILE A 83 -44.66 -10.61 -14.19
CA ILE A 83 -44.50 -10.13 -15.55
C ILE A 83 -44.33 -11.29 -16.50
N THR A 84 -43.82 -12.43 -16.01
CA THR A 84 -43.87 -13.69 -16.75
C THR A 84 -45.35 -14.27 -16.85
N SER A 85 -46.31 -13.44 -16.43
CA SER A 85 -47.70 -13.44 -16.92
C SER A 85 -48.41 -14.71 -16.44
N SER A 86 -49.05 -15.48 -17.33
CA SER A 86 -50.12 -16.42 -17.01
C SER A 86 -51.26 -15.72 -16.30
N THR A 87 -51.56 -16.16 -15.08
CA THR A 87 -52.64 -15.48 -14.32
C THR A 87 -52.17 -14.12 -13.80
N PRO A 88 -53.09 -13.19 -13.58
CA PRO A 88 -52.79 -12.02 -12.77
C PRO A 88 -52.50 -12.41 -11.33
N ALA A 89 -51.30 -12.08 -10.91
CA ALA A 89 -50.96 -12.29 -9.50
C ALA A 89 -51.83 -11.38 -8.63
N ASP A 90 -51.86 -11.69 -7.36
CA ASP A 90 -52.58 -10.92 -6.36
C ASP A 90 -51.59 -10.19 -5.46
N TYR A 91 -51.82 -8.89 -5.26
CA TYR A 91 -50.90 -8.05 -4.53
C TYR A 91 -51.47 -7.60 -3.18
N ALA A 92 -52.54 -8.26 -2.70
CA ALA A 92 -53.18 -7.81 -1.47
C ALA A 92 -52.25 -7.93 -0.27
N THR A 93 -51.40 -8.96 -0.23
CA THR A 93 -50.47 -9.17 0.86
C THR A 93 -49.19 -8.32 0.75
N LYS A 94 -48.98 -7.64 -0.38
CA LYS A 94 -47.87 -6.71 -0.48
C LYS A 94 -48.14 -5.48 0.37
N ASN A 95 -47.12 -5.02 1.09
CA ASN A 95 -47.25 -3.85 1.93
C ASN A 95 -45.88 -3.24 2.16
N LEU A 96 -45.88 -1.96 2.50
CA LEU A 96 -44.67 -1.25 2.87
C LEU A 96 -44.65 -1.03 4.37
N TYR A 97 -43.47 -1.18 4.97
CA TYR A 97 -43.21 -0.67 6.31
C TYR A 97 -42.47 0.65 6.16
N LEU A 98 -43.02 1.70 6.77
CA LEU A 98 -42.55 3.07 6.57
C LEU A 98 -42.44 3.75 7.91
N TRP A 99 -41.29 4.37 8.18
CA TRP A 99 -41.00 4.93 9.49
C TRP A 99 -40.05 6.09 9.35
N ASN A 100 -40.15 7.06 10.27
CA ASN A 100 -39.23 8.20 10.33
C ASN A 100 -38.20 7.98 11.44
N ASN A 101 -36.94 8.23 11.13
CA ASN A 101 -35.91 8.33 12.15
C ASN A 101 -35.24 9.70 12.07
N GLU A 102 -33.92 9.75 12.28
CA GLU A 102 -33.17 10.98 12.13
C GLU A 102 -32.56 11.13 10.75
N THR A 103 -32.17 10.04 10.10
CA THR A 103 -31.55 10.18 8.79
C THR A 103 -32.59 10.50 7.71
N CYS A 104 -33.82 10.00 7.82
CA CYS A 104 -34.87 10.22 6.84
C CYS A 104 -36.20 10.45 7.57
N ASP A 105 -36.77 11.66 7.45
CA ASP A 105 -37.94 12.04 8.24
C ASP A 105 -39.04 12.71 7.42
N ALA A 106 -39.18 12.38 6.12
CA ALA A 106 -40.14 13.09 5.27
C ALA A 106 -41.56 12.51 5.31
N LEU A 107 -41.75 11.31 5.85
CA LEU A 107 -43.07 10.69 5.86
C LEU A 107 -44.03 11.45 6.74
N SER A 108 -45.31 11.41 6.35
CA SER A 108 -46.39 12.10 7.04
C SER A 108 -47.21 11.19 7.93
N ALA A 109 -47.49 9.97 7.49
CA ALA A 109 -48.27 9.02 8.26
C ALA A 109 -47.54 7.68 8.35
N PRO A 110 -46.33 7.68 8.94
CA PRO A 110 -45.59 6.42 9.07
C PRO A 110 -46.20 5.57 10.18
N VAL A 111 -46.40 4.28 9.93
CA VAL A 111 -46.90 3.39 10.97
C VAL A 111 -45.70 2.83 11.73
N ALA A 112 -45.64 3.13 13.03
CA ALA A 112 -44.52 2.70 13.86
C ALA A 112 -44.78 1.35 14.51
N ASP A 113 -45.50 0.45 13.84
CA ASP A 113 -45.78 -0.88 14.37
C ASP A 113 -45.52 -1.90 13.27
N TRP A 114 -44.53 -2.76 13.49
CA TRP A 114 -44.05 -3.68 12.48
C TRP A 114 -45.12 -4.67 12.04
N ASN A 115 -46.05 -5.03 12.94
CA ASN A 115 -47.06 -6.04 12.64
C ASN A 115 -48.22 -5.50 11.82
N ASP A 116 -48.22 -4.19 11.53
CA ASP A 116 -49.25 -3.55 10.72
C ASP A 116 -48.93 -3.78 9.25
N VAL A 117 -49.70 -4.64 8.57
CA VAL A 117 -49.49 -4.89 7.15
C VAL A 117 -50.58 -4.22 6.30
N SER A 118 -51.12 -3.11 6.81
CA SER A 118 -52.25 -2.47 6.13
C SER A 118 -51.85 -1.49 5.02
N THR A 119 -50.57 -1.16 4.89
CA THR A 119 -50.14 -0.21 3.85
C THR A 119 -50.01 -0.95 2.52
N THR A 120 -51.17 -1.24 1.96
CA THR A 120 -51.30 -2.05 0.76
C THR A 120 -51.20 -1.16 -0.47
N PRO A 121 -51.03 -1.75 -1.65
CA PRO A 121 -50.81 -0.94 -2.86
C PRO A 121 -51.97 0.01 -3.17
N THR A 122 -51.62 1.22 -3.63
CA THR A 122 -52.63 2.16 -4.09
C THR A 122 -53.30 1.67 -5.39
N GLY A 123 -52.57 0.91 -6.19
CA GLY A 123 -53.11 0.32 -7.41
C GLY A 123 -52.07 -0.58 -8.01
N SER A 124 -52.40 -1.13 -9.17
CA SER A 124 -51.48 -2.06 -9.80
C SER A 124 -51.87 -2.23 -11.26
N ASP A 125 -50.91 -2.72 -12.06
CA ASP A 125 -51.21 -3.16 -13.41
C ASP A 125 -50.50 -4.48 -13.71
N LYS A 126 -50.19 -4.74 -14.99
CA LYS A 126 -49.54 -5.99 -15.37
C LYS A 126 -48.12 -6.10 -14.82
N TYR A 127 -47.49 -4.98 -14.49
CA TYR A 127 -46.09 -4.97 -14.08
C TYR A 127 -45.93 -5.03 -12.58
N GLY A 128 -47.02 -4.95 -11.83
CA GLY A 128 -46.94 -5.00 -10.39
C GLY A 128 -47.61 -3.80 -9.75
N PRO A 129 -47.54 -3.75 -8.43
CA PRO A 129 -48.25 -2.70 -7.68
C PRO A 129 -47.43 -1.43 -7.51
N TYR A 130 -48.05 -0.42 -6.90
CA TYR A 130 -47.39 0.83 -6.62
C TYR A 130 -48.05 1.45 -5.41
N TRP A 131 -47.31 2.29 -4.71
CA TRP A 131 -47.78 2.97 -3.51
C TRP A 131 -47.63 4.47 -3.69
N VAL A 132 -48.65 5.21 -3.30
CA VAL A 132 -48.61 6.67 -3.22
C VAL A 132 -48.46 7.03 -1.75
N ILE A 133 -47.37 7.71 -1.41
CA ILE A 133 -46.96 7.91 -0.03
C ILE A 133 -47.06 9.39 0.31
N PRO A 134 -47.91 9.79 1.25
CA PRO A 134 -47.97 11.20 1.63
C PRO A 134 -46.67 11.62 2.30
N LEU A 135 -46.33 12.90 2.14
CA LEU A 135 -45.09 13.48 2.66
C LEU A 135 -45.37 14.81 3.35
N THR A 136 -44.56 15.13 4.36
CA THR A 136 -44.60 16.46 4.95
C THR A 136 -43.79 17.49 4.17
N LYS A 137 -42.99 17.04 3.20
CA LYS A 137 -41.97 17.86 2.57
C LYS A 137 -41.53 17.17 1.30
N GLU A 138 -40.82 17.90 0.44
CA GLU A 138 -40.42 17.38 -0.85
C GLU A 138 -38.92 17.26 -1.04
N SER A 139 -38.13 17.65 -0.04
CA SER A 139 -36.69 17.42 -0.02
C SER A 139 -36.43 16.21 0.89
N GLY A 140 -35.17 15.82 1.03
CA GLY A 140 -34.85 14.82 2.03
C GLY A 140 -34.97 13.40 1.51
N CYS A 141 -35.43 12.51 2.40
CA CYS A 141 -35.50 11.09 2.10
C CYS A 141 -36.56 10.42 2.98
N ILE A 142 -36.89 9.18 2.63
CA ILE A 142 -37.79 8.33 3.41
C ILE A 142 -37.20 6.94 3.58
N ASN A 143 -37.55 6.28 4.69
CA ASN A 143 -37.14 4.92 4.98
C ASN A 143 -38.23 3.94 4.54
N VAL A 144 -37.83 2.89 3.82
CA VAL A 144 -38.79 1.95 3.24
C VAL A 144 -38.30 0.54 3.45
N ILE A 145 -39.20 -0.35 3.85
CA ILE A 145 -38.98 -1.80 3.77
C ILE A 145 -40.16 -2.40 3.01
N VAL A 146 -39.87 -3.21 1.98
CA VAL A 146 -40.89 -3.78 1.11
C VAL A 146 -41.18 -5.20 1.55
N ARG A 147 -42.46 -5.52 1.77
CA ARG A 147 -42.83 -6.73 2.49
C ARG A 147 -43.92 -7.52 1.77
N ASP A 148 -44.01 -8.79 2.11
CA ASP A 148 -45.19 -9.62 1.84
C ASP A 148 -45.61 -10.22 3.18
N GLY A 149 -46.72 -9.72 3.72
CA GLY A 149 -46.96 -9.90 5.13
C GLY A 149 -45.87 -9.20 5.90
N THR A 150 -45.31 -9.87 6.91
CA THR A 150 -44.17 -9.35 7.66
C THR A 150 -42.84 -9.85 7.12
N ASN A 151 -42.83 -10.69 6.09
CA ASN A 151 -41.57 -11.11 5.49
C ASN A 151 -41.07 -10.05 4.50
N LYS A 152 -39.77 -9.79 4.54
CA LYS A 152 -39.16 -8.80 3.66
C LYS A 152 -38.89 -9.42 2.29
N LEU A 153 -39.36 -8.75 1.24
CA LEU A 153 -38.97 -9.13 -0.13
C LEU A 153 -37.62 -8.57 -0.51
N ILE A 154 -37.17 -7.55 0.20
CA ILE A 154 -35.83 -6.98 0.04
C ILE A 154 -35.28 -6.83 1.47
N ASP A 155 -34.32 -7.69 1.82
N ASP A 155 -34.31 -7.68 1.82
CA ASP A 155 -33.78 -7.72 3.18
CA ASP A 155 -33.77 -7.73 3.18
C ASP A 155 -32.74 -6.59 3.37
C ASP A 155 -32.78 -6.60 3.43
N SER A 156 -33.20 -5.36 3.18
CA SER A 156 -32.30 -4.20 3.25
C SER A 156 -33.13 -2.94 3.38
N ASP A 157 -32.92 -2.19 4.47
CA ASP A 157 -33.56 -0.89 4.65
C ASP A 157 -33.25 0.04 3.48
N LEU A 158 -34.29 0.51 2.80
CA LEU A 158 -34.15 1.32 1.60
C LEU A 158 -34.16 2.80 1.99
N ARG A 159 -33.18 3.54 1.45
N ARG A 159 -33.15 3.53 1.51
CA ARG A 159 -33.07 4.98 1.67
CA ARG A 159 -33.09 4.98 1.67
C ARG A 159 -33.41 5.66 0.35
C ARG A 159 -33.44 5.59 0.31
N VAL A 160 -34.67 6.08 0.20
CA VAL A 160 -35.14 6.76 -1.00
C VAL A 160 -34.94 8.26 -0.78
N SER A 161 -33.93 8.84 -1.43
CA SER A 161 -33.56 10.23 -1.24
C SER A 161 -34.01 11.04 -2.44
N PHE A 162 -34.83 12.05 -2.19
CA PHE A 162 -35.39 12.88 -3.26
C PHE A 162 -34.34 13.70 -3.98
N SER A 163 -33.11 13.71 -3.45
CA SER A 163 -31.99 14.37 -4.13
C SER A 163 -31.61 13.60 -5.40
N ASP A 164 -31.31 12.31 -5.26
CA ASP A 164 -30.98 11.50 -6.42
C ASP A 164 -32.19 11.24 -7.31
N PHE A 165 -33.40 11.44 -6.78
CA PHE A 165 -34.65 11.11 -7.46
C PHE A 165 -35.57 12.32 -7.37
N THR A 166 -35.46 13.19 -8.37
CA THR A 166 -36.10 14.50 -8.32
C THR A 166 -37.63 14.39 -8.37
N ASP A 167 -38.16 13.45 -9.16
CA ASP A 167 -39.61 13.27 -9.31
C ASP A 167 -40.19 12.30 -8.29
N ARG A 168 -39.38 11.85 -7.34
CA ARG A 168 -39.81 11.07 -6.18
C ARG A 168 -40.64 9.85 -6.59
N THR A 169 -40.34 9.30 -7.76
CA THR A 169 -41.08 8.18 -8.35
C THR A 169 -40.07 7.10 -8.72
N VAL A 170 -39.99 6.07 -7.88
CA VAL A 170 -38.92 5.10 -7.97
C VAL A 170 -39.51 3.71 -8.12
N SER A 171 -38.67 2.76 -8.52
CA SER A 171 -39.05 1.36 -8.66
C SER A 171 -38.02 0.46 -7.98
N VAL A 172 -38.45 -0.72 -7.55
CA VAL A 172 -37.57 -1.71 -6.95
C VAL A 172 -38.01 -3.09 -7.42
N ILE A 173 -37.08 -4.05 -7.35
CA ILE A 173 -37.38 -5.45 -7.57
C ILE A 173 -37.03 -6.22 -6.30
N ALA A 174 -37.79 -7.29 -6.06
CA ALA A 174 -37.54 -8.18 -4.94
C ALA A 174 -36.12 -8.74 -5.03
N GLY A 175 -35.52 -8.96 -3.86
CA GLY A 175 -34.18 -9.51 -3.79
C GLY A 175 -33.08 -8.58 -4.25
N ASN A 176 -33.36 -7.28 -4.36
CA ASN A 176 -32.44 -6.32 -4.93
C ASN A 176 -32.58 -5.04 -4.13
N SER A 177 -31.46 -4.54 -3.61
CA SER A 177 -31.48 -3.34 -2.77
C SER A 177 -31.45 -2.05 -3.58
N ALA A 178 -31.29 -2.14 -4.90
CA ALA A 178 -31.17 -0.96 -5.75
C ALA A 178 -32.49 -0.20 -5.83
N VAL A 179 -32.39 1.12 -5.86
CA VAL A 179 -33.54 2.00 -6.08
C VAL A 179 -33.40 2.59 -7.48
N TYR A 180 -34.38 2.32 -8.35
CA TYR A 180 -34.29 2.70 -9.76
C TYR A 180 -35.09 3.97 -10.05
N ASP A 181 -34.67 4.66 -11.12
CA ASP A 181 -35.33 5.89 -11.53
C ASP A 181 -36.74 5.63 -12.06
N SER A 182 -36.96 4.47 -12.67
CA SER A 182 -38.17 4.22 -13.44
C SER A 182 -38.33 2.72 -13.61
N ARG A 183 -39.56 2.31 -13.94
CA ARG A 183 -39.85 0.89 -14.09
C ARG A 183 -39.11 0.27 -15.26
N ALA A 184 -38.90 1.04 -16.34
CA ALA A 184 -38.11 0.55 -17.46
C ALA A 184 -36.69 0.21 -17.03
N ASP A 185 -36.04 1.11 -16.31
CA ASP A 185 -34.69 0.85 -15.79
C ASP A 185 -34.67 -0.43 -14.97
N ALA A 186 -35.56 -0.54 -13.99
CA ALA A 186 -35.63 -1.76 -13.17
C ALA A 186 -35.95 -2.99 -14.00
N PHE A 187 -36.78 -2.84 -15.04
CA PHE A 187 -37.13 -3.98 -15.88
C PHE A 187 -35.94 -4.45 -16.71
N ARG A 188 -35.19 -3.50 -17.28
CA ARG A 188 -34.01 -3.87 -18.06
C ARG A 188 -32.90 -4.38 -17.15
N ALA A 189 -32.88 -3.96 -15.88
CA ALA A 189 -31.98 -4.58 -14.92
C ALA A 189 -32.28 -6.06 -14.78
N ALA A 190 -33.55 -6.41 -14.65
CA ALA A 190 -33.90 -7.80 -14.42
C ALA A 190 -33.73 -8.64 -15.67
N PHE A 191 -34.06 -8.06 -16.84
CA PHE A 191 -34.08 -8.81 -18.10
C PHE A 191 -33.02 -8.34 -19.09
N GLY A 192 -32.04 -7.55 -18.62
CA GLY A 192 -30.87 -7.22 -19.41
C GLY A 192 -29.60 -7.67 -18.70
N VAL A 193 -28.48 -7.42 -19.36
CA VAL A 193 -27.20 -7.90 -18.84
C VAL A 193 -26.84 -7.09 -17.59
N ALA A 194 -26.52 -7.80 -16.51
CA ALA A 194 -26.12 -7.14 -15.27
C ALA A 194 -24.93 -7.87 -14.70
N LEU A 195 -24.06 -7.10 -14.02
CA LEU A 195 -22.93 -7.65 -13.29
C LEU A 195 -21.93 -8.37 -14.19
N ALA A 196 -21.07 -9.19 -13.59
CA ALA A 196 -20.08 -9.98 -14.31
C ALA A 196 -19.61 -11.15 -13.45
N ASP A 197 -20.53 -12.04 -13.10
CA ASP A 197 -20.20 -13.14 -12.20
C ASP A 197 -19.90 -14.44 -12.92
N ALA A 198 -19.81 -14.43 -14.25
CA ALA A 198 -19.36 -15.59 -14.99
C ALA A 198 -17.85 -15.50 -15.17
N HIS A 199 -17.18 -16.64 -15.08
CA HIS A 199 -15.72 -16.71 -15.05
C HIS A 199 -15.24 -17.75 -16.05
N TRP A 200 -14.78 -17.28 -17.21
CA TRP A 200 -14.20 -18.19 -18.19
C TRP A 200 -12.76 -18.44 -17.77
N VAL A 201 -12.52 -19.57 -17.11
CA VAL A 201 -11.31 -19.78 -16.32
C VAL A 201 -10.28 -20.66 -17.03
N ASP A 202 -10.69 -21.49 -17.97
CA ASP A 202 -9.75 -22.06 -18.93
C ASP A 202 -10.51 -22.35 -20.23
N LYS A 203 -9.84 -23.07 -21.15
CA LYS A 203 -10.38 -23.22 -22.50
C LYS A 203 -11.83 -23.73 -22.47
N THR A 204 -12.07 -24.85 -21.79
CA THR A 204 -13.38 -25.49 -21.81
C THR A 204 -14.22 -25.27 -20.55
N THR A 205 -13.66 -24.70 -19.48
CA THR A 205 -14.39 -24.56 -18.21
C THR A 205 -14.87 -23.13 -18.01
N LEU A 206 -16.17 -22.97 -17.77
CA LEU A 206 -16.75 -21.69 -17.40
C LEU A 206 -17.54 -21.84 -16.10
N LEU A 207 -17.18 -21.04 -15.09
CA LEU A 207 -17.84 -21.04 -13.80
C LEU A 207 -18.85 -19.89 -13.72
N TRP A 208 -20.06 -20.20 -13.33
CA TRP A 208 -21.08 -19.17 -13.27
C TRP A 208 -22.15 -19.68 -12.32
N PRO A 209 -22.55 -18.92 -11.31
CA PRO A 209 -23.72 -19.34 -10.53
C PRO A 209 -25.03 -19.16 -11.28
N GLY A 210 -25.16 -18.05 -12.02
CA GLY A 210 -26.42 -17.71 -12.67
C GLY A 210 -26.97 -18.75 -13.63
N GLY A 211 -26.18 -19.75 -14.00
CA GLY A 211 -26.66 -20.83 -14.83
C GLY A 211 -26.91 -22.14 -14.13
N GLU A 212 -26.92 -22.17 -12.80
N GLU A 212 -26.92 -22.16 -12.80
CA GLU A 212 -27.04 -23.42 -12.06
CA GLU A 212 -27.07 -23.40 -12.04
C GLU A 212 -28.42 -24.04 -12.27
C GLU A 212 -28.43 -24.04 -12.29
N ASN A 213 -28.41 -25.32 -12.66
CA ASN A 213 -29.62 -26.13 -12.85
C ASN A 213 -30.67 -25.38 -13.67
N LYS A 214 -30.31 -25.06 -14.91
CA LYS A 214 -31.24 -24.39 -15.80
C LYS A 214 -31.05 -24.93 -17.20
N PRO A 215 -32.14 -25.02 -17.98
CA PRO A 215 -32.08 -25.84 -19.21
C PRO A 215 -31.19 -25.23 -20.29
N ILE A 216 -31.28 -23.92 -20.49
CA ILE A 216 -30.47 -23.23 -21.50
C ILE A 216 -29.42 -22.39 -20.79
N VAL A 217 -28.14 -22.71 -21.03
CA VAL A 217 -27.04 -21.88 -20.58
C VAL A 217 -26.00 -21.81 -21.70
N ARG A 218 -25.67 -20.60 -22.14
CA ARG A 218 -24.86 -20.39 -23.33
C ARG A 218 -23.94 -19.20 -23.13
N LEU A 219 -22.98 -19.11 -24.04
CA LEU A 219 -21.99 -18.04 -24.07
C LEU A 219 -22.14 -17.30 -25.40
N TYR A 220 -22.87 -16.18 -25.38
CA TYR A 220 -23.07 -15.32 -26.54
C TYR A 220 -21.90 -14.35 -26.72
N TYR A 221 -21.80 -13.80 -27.92
CA TYR A 221 -20.66 -12.95 -28.23
C TYR A 221 -20.96 -12.13 -29.47
N SER A 222 -20.42 -10.92 -29.50
CA SER A 222 -20.51 -10.04 -30.64
C SER A 222 -19.15 -9.39 -30.85
N HIS A 223 -18.60 -9.56 -32.04
CA HIS A 223 -17.28 -9.00 -32.35
C HIS A 223 -17.26 -7.50 -32.15
N SER A 224 -18.33 -6.81 -32.53
CA SER A 224 -18.27 -5.38 -32.75
C SER A 224 -19.28 -4.57 -31.96
N SER A 225 -20.34 -5.18 -31.46
CA SER A 225 -21.38 -4.43 -30.77
C SER A 225 -21.66 -5.09 -29.42
N LYS A 226 -22.49 -4.42 -28.64
CA LYS A 226 -22.83 -4.84 -27.30
C LYS A 226 -24.05 -5.78 -27.38
N VAL A 227 -23.88 -7.02 -26.93
CA VAL A 227 -24.95 -8.02 -27.01
C VAL A 227 -26.21 -7.45 -26.34
N ALA A 228 -27.35 -7.62 -27.00
CA ALA A 228 -28.63 -7.06 -26.59
C ALA A 228 -29.71 -7.67 -27.47
N ALA A 229 -30.95 -7.64 -26.96
CA ALA A 229 -32.08 -8.15 -27.71
C ALA A 229 -32.33 -7.29 -28.95
N ASP A 230 -32.80 -7.93 -30.03
CA ASP A 230 -32.90 -7.25 -31.31
C ASP A 230 -34.24 -6.51 -31.42
N SER A 231 -34.67 -6.23 -32.65
N SER A 231 -34.62 -6.14 -32.65
CA SER A 231 -35.93 -5.51 -32.86
CA SER A 231 -35.73 -5.23 -32.85
C SER A 231 -37.13 -6.26 -32.30
C SER A 231 -37.05 -5.81 -32.35
N ASN A 232 -37.07 -7.59 -32.27
N ASN A 232 -37.24 -7.12 -32.57
CA ASN A 232 -38.18 -8.42 -31.81
CA ASN A 232 -38.42 -7.78 -32.03
C ASN A 232 -37.82 -9.19 -30.54
C ASN A 232 -38.29 -8.03 -30.54
N GLY A 233 -37.17 -8.50 -29.59
N GLY A 233 -37.18 -8.64 -30.13
CA GLY A 233 -36.85 -9.05 -28.29
CA GLY A 233 -36.91 -8.88 -28.72
C GLY A 233 -36.02 -10.32 -28.29
C GLY A 233 -36.09 -10.13 -28.48
N GLU A 234 -35.41 -10.64 -29.43
N GLU A 234 -35.41 -10.62 -29.52
CA GLU A 234 -34.64 -11.87 -29.55
CA GLU A 234 -34.67 -11.86 -29.43
C GLU A 234 -33.14 -11.59 -29.45
C GLU A 234 -33.17 -11.59 -29.42
N PHE A 235 -32.41 -12.58 -28.94
CA PHE A 235 -30.96 -12.49 -28.82
C PHE A 235 -30.38 -13.18 -30.05
N SER A 236 -30.21 -12.40 -31.12
CA SER A 236 -29.86 -12.91 -32.44
C SER A 236 -28.38 -13.23 -32.61
N ASP A 237 -27.53 -12.83 -31.66
CA ASP A 237 -26.09 -12.95 -31.81
C ASP A 237 -25.63 -14.40 -31.71
N LYS A 238 -24.41 -14.64 -32.18
CA LYS A 238 -23.85 -15.99 -32.17
C LYS A 238 -23.54 -16.44 -30.74
N TYR A 239 -23.51 -17.75 -30.54
CA TYR A 239 -23.31 -18.28 -29.20
C TYR A 239 -22.61 -19.62 -29.27
N VAL A 240 -22.12 -20.06 -28.11
CA VAL A 240 -21.56 -21.37 -27.90
C VAL A 240 -22.32 -22.00 -26.73
N LYS A 241 -22.82 -23.22 -26.93
CA LYS A 241 -23.71 -23.84 -25.95
C LYS A 241 -22.90 -24.45 -24.81
N LEU A 242 -23.43 -24.32 -23.60
CA LEU A 242 -22.74 -24.81 -22.41
C LEU A 242 -23.51 -25.94 -21.76
N THR A 243 -22.79 -26.98 -21.34
CA THR A 243 -23.26 -28.18 -20.68
C THR A 243 -22.74 -28.25 -19.24
N PRO A 244 -23.58 -28.62 -18.28
CA PRO A 244 -23.10 -28.72 -16.90
C PRO A 244 -21.99 -29.75 -16.74
N THR A 245 -21.10 -29.49 -15.80
CA THR A 245 -19.93 -30.35 -15.60
C THR A 245 -19.43 -30.13 -14.17
N THR A 246 -18.23 -30.61 -13.89
CA THR A 246 -17.66 -30.54 -12.56
C THR A 246 -16.28 -29.92 -12.64
N VAL A 247 -15.96 -29.09 -11.65
CA VAL A 247 -14.74 -28.29 -11.71
C VAL A 247 -13.52 -29.20 -11.70
N ASN A 248 -12.50 -28.80 -12.45
CA ASN A 248 -11.29 -29.59 -12.54
C ASN A 248 -10.51 -29.51 -11.22
N GLN A 249 -9.56 -30.42 -11.06
CA GLN A 249 -8.63 -30.28 -9.96
C GLN A 249 -7.64 -29.15 -10.24
N GLN A 250 -7.39 -28.86 -11.51
CA GLN A 250 -6.54 -27.72 -11.85
C GLN A 250 -7.28 -26.40 -11.75
N VAL A 251 -8.54 -26.33 -12.17
CA VAL A 251 -9.32 -25.12 -11.94
C VAL A 251 -9.45 -24.84 -10.46
N SER A 252 -9.58 -25.91 -9.67
CA SER A 252 -9.73 -25.76 -8.23
C SER A 252 -8.45 -25.24 -7.60
N MET A 253 -7.31 -25.84 -7.96
CA MET A 253 -6.02 -25.36 -7.50
C MET A 253 -5.76 -23.93 -7.95
N ARG A 254 -6.10 -23.61 -9.20
CA ARG A 254 -5.83 -22.26 -9.72
C ARG A 254 -6.74 -21.23 -9.05
N PHE A 255 -8.04 -21.52 -8.95
CA PHE A 255 -9.02 -20.54 -8.48
C PHE A 255 -9.81 -21.12 -7.32
N PRO A 256 -9.16 -21.28 -6.15
CA PRO A 256 -9.86 -21.87 -4.99
C PRO A 256 -11.05 -21.06 -4.52
N HIS A 257 -11.02 -19.75 -4.71
CA HIS A 257 -12.14 -18.90 -4.32
C HIS A 257 -13.32 -19.00 -5.27
N LEU A 258 -13.20 -19.80 -6.33
CA LEU A 258 -14.29 -20.01 -7.27
C LEU A 258 -14.76 -21.46 -7.33
N ALA A 259 -14.06 -22.38 -6.69
CA ALA A 259 -14.28 -23.81 -6.84
C ALA A 259 -15.64 -24.26 -6.33
N SER A 260 -16.44 -23.39 -5.72
CA SER A 260 -17.82 -23.71 -5.34
C SER A 260 -18.82 -23.16 -6.35
N TYR A 261 -18.36 -22.66 -7.48
CA TYR A 261 -19.26 -22.19 -8.52
C TYR A 261 -19.73 -23.36 -9.39
N PRO A 262 -20.96 -23.32 -9.88
CA PRO A 262 -21.41 -24.38 -10.81
C PRO A 262 -20.62 -24.32 -12.12
N ALA A 263 -20.03 -25.45 -12.49
CA ALA A 263 -19.14 -25.53 -13.64
C ALA A 263 -19.89 -25.95 -14.91
N PHE A 264 -19.38 -25.48 -16.05
CA PHE A 264 -19.99 -25.66 -17.36
C PHE A 264 -18.90 -25.90 -18.40
N LYS A 265 -19.14 -26.88 -19.27
CA LYS A 265 -18.19 -27.30 -20.27
C LYS A 265 -18.52 -26.65 -21.61
N LEU A 266 -17.47 -26.27 -22.35
CA LEU A 266 -17.41 -25.73 -23.69
C LEU A 266 -16.94 -26.80 -24.67
N PRO A 267 -17.45 -26.73 -25.90
CA PRO A 267 -16.97 -27.65 -26.95
C PRO A 267 -15.46 -27.63 -27.08
N ASP A 268 -14.87 -28.81 -27.27
CA ASP A 268 -13.42 -28.89 -27.41
C ASP A 268 -12.89 -28.09 -28.59
N ASP A 269 -13.74 -27.79 -29.57
CA ASP A 269 -13.32 -27.11 -30.79
C ASP A 269 -13.53 -25.61 -30.73
N VAL A 270 -13.95 -25.06 -29.59
CA VAL A 270 -14.31 -23.66 -29.54
C VAL A 270 -13.11 -22.80 -29.87
N ASN A 271 -13.34 -21.73 -30.62
CA ASN A 271 -12.31 -20.83 -31.09
C ASN A 271 -12.24 -19.66 -30.10
N VAL A 272 -11.33 -19.75 -29.13
CA VAL A 272 -11.29 -18.71 -28.10
C VAL A 272 -10.73 -17.42 -28.67
N ASP A 273 -9.84 -17.51 -29.67
CA ASP A 273 -9.31 -16.32 -30.32
C ASP A 273 -10.43 -15.41 -30.78
N GLU A 274 -11.48 -15.98 -31.35
CA GLU A 274 -12.55 -15.19 -31.95
C GLU A 274 -13.53 -14.69 -30.91
N LEU A 275 -13.86 -15.56 -29.94
CA LEU A 275 -14.73 -15.16 -28.84
C LEU A 275 -14.19 -13.94 -28.12
N LEU A 276 -12.89 -13.94 -27.79
CA LEU A 276 -12.28 -12.92 -26.96
C LEU A 276 -12.03 -11.62 -27.69
N GLN A 277 -12.38 -11.52 -28.98
CA GLN A 277 -12.19 -10.30 -29.74
C GLN A 277 -13.20 -9.21 -29.39
N GLY A 278 -14.32 -9.58 -28.80
CA GLY A 278 -15.38 -8.61 -28.58
C GLY A 278 -16.08 -8.83 -27.26
N GLU A 279 -17.29 -8.30 -27.13
CA GLU A 279 -18.07 -8.52 -25.91
C GLU A 279 -18.46 -9.99 -25.80
N THR A 280 -18.36 -10.51 -24.60
CA THR A 280 -18.74 -11.88 -24.31
C THR A 280 -19.67 -11.87 -23.09
N VAL A 281 -20.79 -12.59 -23.21
CA VAL A 281 -21.92 -12.47 -22.28
C VAL A 281 -22.55 -13.84 -22.08
N ALA A 282 -22.47 -14.37 -20.86
CA ALA A 282 -23.09 -15.65 -20.55
C ALA A 282 -24.56 -15.46 -20.19
N ILE A 283 -25.42 -16.31 -20.76
CA ILE A 283 -26.88 -16.15 -20.69
C ILE A 283 -27.50 -17.48 -20.28
N ALA A 284 -28.53 -17.40 -19.42
CA ALA A 284 -29.32 -18.55 -19.00
C ALA A 284 -30.78 -18.32 -19.33
N ALA A 285 -31.52 -19.40 -19.56
CA ALA A 285 -32.90 -19.23 -20.00
C ALA A 285 -33.74 -20.44 -19.61
N GLU A 286 -35.03 -20.20 -19.44
CA GLU A 286 -36.01 -21.22 -19.06
C GLU A 286 -36.27 -22.18 -20.22
N SER A 287 -37.26 -23.06 -20.05
CA SER A 287 -37.63 -23.97 -21.12
C SER A 287 -38.24 -23.23 -22.30
N ASP A 288 -39.07 -22.23 -22.03
CA ASP A 288 -39.73 -21.43 -23.07
C ASP A 288 -38.81 -20.39 -23.70
N GLY A 289 -37.49 -20.52 -23.50
CA GLY A 289 -36.53 -19.59 -24.03
C GLY A 289 -36.54 -18.21 -23.39
N ILE A 290 -37.36 -17.98 -22.36
CA ILE A 290 -37.35 -16.70 -21.69
C ILE A 290 -36.03 -16.51 -20.93
N LEU A 291 -35.49 -15.30 -20.99
CA LEU A 291 -34.19 -15.02 -20.41
C LEU A 291 -34.24 -15.15 -18.89
N SER A 292 -33.39 -16.02 -18.34
CA SER A 292 -33.21 -16.06 -16.89
C SER A 292 -32.37 -14.87 -16.44
N SER A 293 -31.04 -15.02 -16.48
CA SER A 293 -30.11 -13.92 -16.22
C SER A 293 -29.10 -13.83 -17.35
N ALA A 294 -28.36 -12.72 -17.36
CA ALA A 294 -27.34 -12.48 -18.38
C ALA A 294 -26.26 -11.58 -17.80
N THR A 295 -25.01 -12.03 -17.86
CA THR A 295 -23.93 -11.34 -17.16
C THR A 295 -22.69 -11.28 -18.03
N GLN A 296 -21.79 -10.33 -17.70
CA GLN A 296 -20.52 -10.26 -18.39
C GLN A 296 -19.56 -11.30 -17.86
N VAL A 297 -18.50 -11.55 -18.61
CA VAL A 297 -17.59 -12.66 -18.37
C VAL A 297 -16.22 -12.09 -18.01
N GLN A 298 -15.62 -12.63 -16.95
CA GLN A 298 -14.23 -12.37 -16.64
C GLN A 298 -13.40 -13.48 -17.26
N THR A 299 -12.35 -13.09 -17.97
CA THR A 299 -11.65 -14.00 -18.87
C THR A 299 -10.20 -14.23 -18.53
N ALA A 300 -9.70 -13.64 -17.44
CA ALA A 300 -8.26 -13.71 -17.19
C ALA A 300 -7.78 -15.14 -17.04
N GLY A 301 -8.60 -16.01 -16.46
CA GLY A 301 -8.26 -17.41 -16.39
C GLY A 301 -7.99 -17.99 -17.77
N VAL A 302 -8.96 -17.90 -18.68
CA VAL A 302 -8.78 -18.51 -20.00
C VAL A 302 -7.64 -17.81 -20.75
N LEU A 303 -7.48 -16.50 -20.57
CA LEU A 303 -6.40 -15.81 -21.26
C LEU A 303 -5.05 -16.39 -20.88
N ASP A 304 -4.87 -16.73 -19.59
CA ASP A 304 -3.64 -17.39 -19.15
C ASP A 304 -3.57 -18.82 -19.67
N ASP A 305 -4.68 -19.56 -19.62
CA ASP A 305 -4.68 -20.93 -20.11
C ASP A 305 -4.35 -21.00 -21.59
N THR A 306 -4.82 -20.01 -22.37
CA THR A 306 -4.66 -19.99 -23.82
C THR A 306 -3.30 -19.44 -24.25
N TYR A 307 -2.85 -18.34 -23.65
CA TYR A 307 -1.75 -17.56 -24.20
C TYR A 307 -0.49 -17.47 -23.36
N ALA A 308 -0.60 -17.64 -22.04
CA ALA A 308 0.51 -17.26 -21.17
C ALA A 308 1.74 -18.10 -21.44
N ALA A 309 1.55 -19.39 -21.74
CA ALA A 309 2.70 -20.25 -21.99
C ALA A 309 3.52 -19.71 -23.15
N ALA A 310 2.85 -19.35 -24.24
CA ALA A 310 3.55 -18.79 -25.39
C ALA A 310 4.01 -17.36 -25.12
N ALA A 311 3.14 -16.54 -24.51
CA ALA A 311 3.47 -15.13 -24.29
C ALA A 311 4.63 -14.96 -23.31
N GLU A 312 4.84 -15.93 -22.42
CA GLU A 312 5.89 -15.78 -21.41
C GLU A 312 7.27 -15.92 -22.01
N ALA A 313 7.41 -16.64 -23.13
CA ALA A 313 8.72 -16.80 -23.74
C ALA A 313 9.15 -15.57 -24.54
N LEU A 314 8.31 -14.55 -24.64
CA LEU A 314 8.61 -13.38 -25.44
C LEU A 314 9.11 -12.24 -24.56
N SER A 315 9.82 -11.30 -25.16
CA SER A 315 10.27 -10.09 -24.48
C SER A 315 9.47 -8.90 -25.00
N TYR A 316 9.26 -7.89 -24.14
CA TYR A 316 8.28 -6.84 -24.43
C TYR A 316 8.92 -5.46 -24.36
N GLY A 317 8.20 -4.47 -24.85
CA GLY A 317 8.71 -3.12 -24.93
C GLY A 317 9.34 -2.83 -26.27
N ALA A 318 10.01 -1.67 -26.34
CA ALA A 318 10.71 -1.24 -27.54
C ALA A 318 12.18 -1.64 -27.38
N GLN A 319 12.60 -2.66 -28.12
CA GLN A 319 13.85 -3.37 -27.83
C GLN A 319 14.89 -3.16 -28.93
N LEU A 320 16.01 -2.53 -28.59
CA LEU A 320 17.13 -2.41 -29.52
C LEU A 320 17.78 -3.76 -29.76
N THR A 321 17.89 -4.15 -31.03
CA THR A 321 18.59 -5.36 -31.44
C THR A 321 19.70 -5.00 -32.44
N ASP A 322 20.29 -6.03 -33.07
CA ASP A 322 21.30 -5.80 -34.09
C ASP A 322 20.69 -5.32 -35.40
N SER A 323 19.54 -5.86 -35.76
CA SER A 323 18.88 -5.48 -37.01
C SER A 323 18.13 -4.16 -36.90
N GLY A 324 17.85 -3.70 -35.68
CA GLY A 324 17.04 -2.51 -35.51
C GLY A 324 16.32 -2.50 -34.17
N VAL A 325 15.01 -2.25 -34.19
CA VAL A 325 14.21 -2.10 -32.98
C VAL A 325 12.98 -2.97 -33.12
N THR A 326 12.76 -3.84 -32.14
CA THR A 326 11.58 -4.69 -32.10
C THR A 326 10.63 -4.14 -31.04
N PHE A 327 9.43 -3.79 -31.45
CA PHE A 327 8.36 -3.39 -30.55
C PHE A 327 7.49 -4.60 -30.26
N ARG A 328 7.18 -4.84 -28.99
CA ARG A 328 6.22 -5.91 -28.71
C ARG A 328 5.37 -5.56 -27.49
N VAL A 329 4.07 -5.74 -27.62
CA VAL A 329 3.11 -5.52 -26.53
C VAL A 329 2.13 -6.69 -26.51
N TRP A 330 1.73 -7.10 -25.30
CA TRP A 330 0.79 -8.20 -25.13
C TRP A 330 -0.62 -7.62 -25.10
N ALA A 331 -1.45 -8.01 -26.07
CA ALA A 331 -2.82 -7.54 -26.14
C ALA A 331 -3.67 -8.64 -26.74
N PRO A 332 -3.83 -9.75 -26.01
CA PRO A 332 -4.45 -10.94 -26.62
C PRO A 332 -5.90 -10.78 -26.98
N THR A 333 -6.57 -9.68 -26.58
CA THR A 333 -7.96 -9.47 -26.93
C THR A 333 -8.17 -8.35 -27.94
N ALA A 334 -7.13 -7.59 -28.27
CA ALA A 334 -7.32 -6.40 -29.10
C ALA A 334 -7.70 -6.81 -30.51
N GLN A 335 -8.55 -5.99 -31.12
CA GLN A 335 -8.89 -6.18 -32.51
C GLN A 335 -7.79 -5.66 -33.44
N GLN A 336 -7.10 -4.61 -33.02
CA GLN A 336 -6.05 -4.00 -33.82
C GLN A 336 -5.08 -3.30 -32.89
N VAL A 337 -3.79 -3.34 -33.24
CA VAL A 337 -2.77 -2.54 -32.57
C VAL A 337 -1.92 -1.92 -33.65
N GLU A 338 -1.89 -0.59 -33.70
CA GLU A 338 -0.98 0.14 -34.58
C GLU A 338 0.08 0.84 -33.74
N LEU A 339 1.33 0.74 -34.18
CA LEU A 339 2.44 1.42 -33.52
C LEU A 339 2.54 2.83 -34.09
N VAL A 340 2.36 3.84 -33.26
CA VAL A 340 2.44 5.22 -33.72
C VAL A 340 3.77 5.81 -33.28
N ILE A 341 4.56 6.27 -34.26
CA ILE A 341 5.86 6.88 -34.01
C ILE A 341 5.72 8.39 -34.07
N TYR A 342 6.28 9.07 -33.07
CA TYR A 342 6.16 10.51 -32.91
C TYR A 342 7.54 11.17 -33.00
N SER A 343 7.56 12.37 -33.60
CA SER A 343 8.72 13.24 -33.58
C SER A 343 8.92 13.85 -32.19
N ALA A 344 10.09 14.48 -31.99
CA ALA A 344 10.40 15.09 -30.71
C ALA A 344 9.38 16.14 -30.31
N ASP A 345 8.77 16.84 -31.28
CA ASP A 345 7.71 17.76 -30.97
C ASP A 345 6.32 17.12 -31.07
N LYS A 346 6.27 15.78 -31.07
CA LYS A 346 5.02 15.00 -30.89
C LYS A 346 4.09 15.09 -32.10
N LYS A 347 4.65 15.11 -33.31
CA LYS A 347 3.86 14.96 -34.53
C LYS A 347 4.00 13.51 -35.00
N VAL A 348 2.88 12.90 -35.41
CA VAL A 348 2.94 11.56 -36.00
C VAL A 348 3.84 11.59 -37.22
N ILE A 349 4.88 10.78 -37.20
CA ILE A 349 5.77 10.66 -38.36
C ILE A 349 5.72 9.29 -39.02
N ALA A 350 5.02 8.32 -38.43
CA ALA A 350 4.80 7.01 -39.04
C ALA A 350 3.75 6.29 -38.21
N SER A 351 3.08 5.34 -38.83
CA SER A 351 2.04 4.57 -38.16
C SER A 351 2.06 3.16 -38.74
N HIS A 352 2.28 2.17 -37.89
CA HIS A 352 2.56 0.82 -38.36
C HIS A 352 1.60 -0.19 -37.75
N PRO A 353 0.67 -0.75 -38.53
CA PRO A 353 -0.11 -1.91 -38.07
C PRO A 353 0.80 -3.05 -37.61
N MET A 354 0.56 -3.56 -36.41
CA MET A 354 1.49 -4.54 -35.86
C MET A 354 1.06 -5.95 -36.26
N THR A 355 1.98 -6.90 -36.09
CA THR A 355 1.74 -8.29 -36.46
C THR A 355 1.31 -9.06 -35.22
N ARG A 356 0.16 -9.70 -35.28
CA ARG A 356 -0.35 -10.47 -34.15
C ARG A 356 0.16 -11.89 -34.26
N ASP A 357 0.73 -12.39 -33.18
CA ASP A 357 1.09 -13.80 -33.07
C ASP A 357 -0.08 -14.52 -32.42
N SER A 358 -0.68 -15.49 -33.12
CA SER A 358 -1.92 -16.05 -32.61
C SER A 358 -1.71 -17.02 -31.45
N ALA A 359 -0.50 -17.56 -31.32
CA ALA A 359 -0.22 -18.46 -30.20
C ALA A 359 -0.13 -17.69 -28.89
N SER A 360 0.39 -16.46 -28.92
CA SER A 360 0.67 -15.70 -27.70
C SER A 360 -0.28 -14.53 -27.48
N GLY A 361 -0.98 -14.06 -28.52
CA GLY A 361 -1.74 -12.85 -28.36
C GLY A 361 -0.88 -11.61 -28.27
N ALA A 362 0.42 -11.75 -28.48
CA ALA A 362 1.31 -10.61 -28.53
C ALA A 362 1.36 -10.02 -29.93
N TRP A 363 1.55 -8.71 -29.99
CA TRP A 363 1.68 -7.96 -31.23
C TRP A 363 3.09 -7.40 -31.34
N SER A 364 3.66 -7.46 -32.56
CA SER A 364 5.06 -7.08 -32.76
C SER A 364 5.22 -6.27 -34.04
N TRP A 365 6.31 -5.50 -34.09
CA TRP A 365 6.72 -4.81 -35.31
C TRP A 365 8.20 -4.53 -35.20
N GLN A 366 8.88 -4.61 -36.33
CA GLN A 366 10.33 -4.43 -36.40
C GLN A 366 10.63 -3.25 -37.30
N GLY A 367 11.50 -2.36 -36.83
CA GLY A 367 11.88 -1.22 -37.64
C GLY A 367 13.35 -0.87 -37.52
N GLY A 368 13.72 0.29 -38.03
CA GLY A 368 15.11 0.65 -38.10
C GLY A 368 15.68 1.05 -36.75
N SER A 369 16.97 0.74 -36.57
CA SER A 369 17.66 1.19 -35.37
C SER A 369 17.72 2.71 -35.24
N ASP A 370 17.38 3.46 -36.31
CA ASP A 370 17.27 4.90 -36.20
C ASP A 370 16.09 5.34 -35.36
N LEU A 371 15.21 4.41 -34.96
CA LEU A 371 14.10 4.71 -34.07
C LEU A 371 14.53 4.89 -32.62
N LYS A 372 15.79 4.69 -32.31
CA LYS A 372 16.28 5.01 -30.97
C LYS A 372 16.05 6.48 -30.69
N GLY A 373 15.43 6.77 -29.54
CA GLY A 373 15.09 8.12 -29.16
C GLY A 373 13.69 8.56 -29.59
N ALA A 374 13.04 7.81 -30.46
CA ALA A 374 11.73 8.20 -30.97
C ALA A 374 10.67 8.03 -29.89
N PHE A 375 9.70 8.94 -29.88
CA PHE A 375 8.54 8.71 -29.03
C PHE A 375 7.54 7.81 -29.75
N TYR A 376 6.71 7.11 -28.96
CA TYR A 376 5.76 6.16 -29.53
C TYR A 376 4.63 5.90 -28.54
N ARG A 377 3.48 5.51 -29.09
CA ARG A 377 2.39 4.91 -28.32
C ARG A 377 1.82 3.75 -29.13
N TYR A 378 0.97 2.95 -28.49
CA TYR A 378 0.20 1.91 -29.18
C TYR A 378 -1.22 2.43 -29.35
N ALA A 379 -1.65 2.52 -30.61
CA ALA A 379 -3.04 2.86 -30.91
C ALA A 379 -3.83 1.57 -30.88
N MET A 380 -4.65 1.40 -29.84
CA MET A 380 -5.40 0.19 -29.60
C MET A 380 -6.81 0.31 -30.18
N THR A 381 -7.32 -0.79 -30.71
CA THR A 381 -8.76 -0.96 -31.00
C THR A 381 -9.17 -2.19 -30.19
N VAL A 382 -9.88 -1.99 -29.09
CA VAL A 382 -10.03 -3.08 -28.12
C VAL A 382 -11.34 -2.90 -27.34
N TYR A 383 -12.04 -4.01 -27.16
CA TYR A 383 -13.25 -4.01 -26.36
C TYR A 383 -12.88 -3.94 -24.88
N HIS A 384 -13.51 -3.01 -24.16
CA HIS A 384 -13.31 -2.89 -22.72
C HIS A 384 -14.59 -3.28 -21.99
N PRO A 385 -14.59 -4.35 -21.21
CA PRO A 385 -15.83 -4.79 -20.56
C PRO A 385 -16.48 -3.73 -19.69
N GLN A 386 -15.72 -2.76 -19.18
CA GLN A 386 -16.33 -1.77 -18.30
C GLN A 386 -17.19 -0.81 -19.10
N SER A 387 -16.68 -0.30 -20.20
CA SER A 387 -17.47 0.60 -21.03
C SER A 387 -18.47 -0.15 -21.92
N ARG A 388 -18.28 -1.46 -22.10
CA ARG A 388 -19.05 -2.29 -23.00
C ARG A 388 -18.88 -1.89 -24.46
N LYS A 389 -17.87 -1.10 -24.80
CA LYS A 389 -17.65 -0.72 -26.18
C LYS A 389 -16.23 -1.06 -26.63
N VAL A 390 -16.09 -1.12 -27.94
CA VAL A 390 -14.80 -1.25 -28.62
C VAL A 390 -14.16 0.13 -28.63
N GLU A 391 -13.14 0.32 -27.81
CA GLU A 391 -12.49 1.61 -27.61
C GLU A 391 -11.37 1.80 -28.64
N GLN A 392 -11.12 3.07 -28.98
CA GLN A 392 -9.93 3.44 -29.73
C GLN A 392 -9.18 4.52 -28.99
N TYR A 393 -7.97 4.20 -28.56
CA TYR A 393 -7.16 5.16 -27.83
C TYR A 393 -5.69 4.78 -27.95
N GLU A 394 -4.83 5.78 -27.77
CA GLU A 394 -3.40 5.54 -27.70
C GLU A 394 -2.96 5.36 -26.25
N VAL A 395 -2.04 4.42 -26.04
CA VAL A 395 -1.57 4.09 -24.70
C VAL A 395 -0.05 4.00 -24.72
N THR A 396 0.60 4.53 -23.69
CA THR A 396 2.03 4.36 -23.53
C THR A 396 2.36 2.87 -23.32
N ASP A 397 3.65 2.54 -23.42
CA ASP A 397 4.09 1.15 -23.27
C ASP A 397 4.13 0.76 -21.79
N PRO A 398 3.44 -0.31 -21.38
CA PRO A 398 3.63 -0.77 -19.99
C PRO A 398 5.04 -1.20 -19.70
N TYR A 399 5.78 -1.60 -20.73
CA TYR A 399 7.21 -1.89 -20.65
C TYR A 399 8.08 -0.68 -21.02
N ALA A 400 7.52 0.54 -20.97
CA ALA A 400 8.32 1.74 -21.20
C ALA A 400 9.59 1.73 -20.36
N HIS A 401 10.71 2.12 -20.96
CA HIS A 401 11.92 2.37 -20.21
C HIS A 401 12.39 3.80 -20.32
N SER A 402 11.70 4.62 -21.11
CA SER A 402 11.93 6.06 -21.11
C SER A 402 10.62 6.73 -21.44
N LEU A 403 10.50 8.00 -21.08
CA LEU A 403 9.22 8.67 -21.17
C LEU A 403 9.41 10.14 -21.54
N SER A 404 8.37 10.73 -22.13
CA SER A 404 8.30 12.18 -22.29
C SER A 404 7.79 12.80 -21.01
N THR A 405 7.81 14.14 -20.96
CA THR A 405 7.39 14.89 -19.78
C THR A 405 5.97 14.49 -19.37
N ASN A 406 5.81 14.13 -18.10
CA ASN A 406 4.52 13.75 -17.52
C ASN A 406 4.01 12.41 -18.08
N SER A 407 4.88 11.63 -18.71
CA SER A 407 4.57 10.26 -19.11
C SER A 407 3.55 10.19 -20.25
N GLU A 408 3.45 11.24 -21.07
CA GLU A 408 2.44 11.27 -22.12
C GLU A 408 2.79 10.35 -23.27
N TYR A 409 4.07 10.16 -23.54
CA TYR A 409 4.55 9.28 -24.61
C TYR A 409 5.64 8.39 -24.06
N SER A 410 5.71 7.15 -24.54
CA SER A 410 6.94 6.44 -24.22
C SER A 410 7.98 6.66 -25.30
N GLN A 411 9.20 6.20 -25.04
CA GLN A 411 10.34 6.55 -25.88
C GLN A 411 11.27 5.35 -25.98
N VAL A 412 11.72 5.08 -27.19
CA VAL A 412 12.61 3.96 -27.42
C VAL A 412 13.96 4.28 -26.80
N VAL A 413 14.52 3.33 -26.05
CA VAL A 413 15.78 3.62 -25.39
C VAL A 413 16.60 2.34 -25.30
N ASP A 414 17.92 2.49 -25.38
CA ASP A 414 18.88 1.42 -25.11
C ASP A 414 19.56 1.79 -23.79
N LEU A 415 19.09 1.21 -22.70
CA LEU A 415 19.61 1.57 -21.38
C LEU A 415 21.13 1.35 -21.27
N ASN A 416 21.71 0.52 -22.14
CA ASN A 416 23.15 0.26 -22.08
C ASN A 416 24.00 1.36 -22.68
N ASP A 417 23.42 2.33 -23.39
CA ASP A 417 24.18 3.41 -24.01
C ASP A 417 25.12 4.07 -23.01
N SER A 418 26.40 4.18 -23.38
CA SER A 418 27.33 4.91 -22.53
C SER A 418 26.90 6.38 -22.38
N ALA A 419 26.12 6.89 -23.33
CA ALA A 419 25.58 8.23 -23.18
C ALA A 419 24.60 8.34 -22.00
N LEU A 420 23.96 7.25 -21.60
CA LEU A 420 23.05 7.30 -20.47
C LEU A 420 23.72 6.83 -19.16
N LYS A 421 25.04 6.78 -19.12
CA LYS A 421 25.76 6.30 -17.94
C LYS A 421 26.69 7.38 -17.41
N PRO A 422 26.73 7.57 -16.09
CA PRO A 422 27.84 8.36 -15.49
C PRO A 422 29.16 7.64 -15.70
N GLU A 423 30.22 8.42 -15.81
CA GLU A 423 31.54 7.82 -15.99
C GLU A 423 31.84 6.85 -14.86
N GLY A 424 32.26 5.63 -15.22
CA GLY A 424 32.57 4.59 -14.25
C GLY A 424 31.41 3.70 -13.86
N TRP A 425 30.20 4.00 -14.33
CA TRP A 425 29.00 3.26 -13.97
C TRP A 425 29.20 1.75 -14.07
N ASP A 426 29.82 1.28 -15.16
CA ASP A 426 29.91 -0.16 -15.38
C ASP A 426 30.70 -0.88 -14.28
N GLY A 427 31.58 -0.18 -13.58
CA GLY A 427 32.38 -0.76 -12.53
C GLY A 427 31.85 -0.56 -11.12
N LEU A 428 30.66 0.01 -10.96
CA LEU A 428 30.12 0.34 -9.65
C LEU A 428 29.83 -0.93 -8.85
N THR A 429 30.33 -0.99 -7.61
CA THR A 429 30.16 -2.14 -6.74
C THR A 429 29.36 -1.76 -5.49
N MET A 430 28.69 -2.75 -4.89
CA MET A 430 28.02 -2.59 -3.60
C MET A 430 29.03 -2.32 -2.49
N PRO A 431 28.96 -1.18 -1.80
CA PRO A 431 29.85 -0.96 -0.65
C PRO A 431 29.63 -1.92 0.51
N HIS A 432 28.45 -2.51 0.66
CA HIS A 432 28.18 -3.43 1.76
C HIS A 432 27.75 -4.77 1.18
N ALA A 433 28.35 -5.84 1.68
CA ALA A 433 28.00 -7.19 1.24
C ALA A 433 26.60 -7.55 1.72
N GLN A 434 25.98 -8.48 1.00
CA GLN A 434 24.63 -8.98 1.25
C GLN A 434 24.55 -10.46 0.93
N LYS A 435 25.67 -11.17 1.01
CA LYS A 435 25.74 -12.55 0.55
C LYS A 435 25.33 -13.55 1.63
N THR A 436 25.93 -13.48 2.81
CA THR A 436 25.57 -14.35 3.92
C THR A 436 24.50 -13.72 4.80
N LYS A 437 23.82 -14.56 5.58
CA LYS A 437 22.84 -14.05 6.53
C LYS A 437 23.48 -13.06 7.50
N ALA A 438 24.74 -13.31 7.88
CA ALA A 438 25.47 -12.35 8.72
C ALA A 438 25.74 -11.05 7.99
N ASP A 439 25.99 -11.12 6.67
CA ASP A 439 26.06 -9.90 5.87
C ASP A 439 24.74 -9.13 5.92
N LEU A 440 23.63 -9.83 5.71
CA LEU A 440 22.34 -9.19 5.61
C LEU A 440 21.89 -8.60 6.95
N ALA A 441 22.21 -9.27 8.06
CA ALA A 441 21.84 -8.76 9.39
C ALA A 441 22.54 -7.45 9.72
N LYS A 442 23.69 -7.16 9.09
CA LYS A 442 24.31 -5.86 9.27
C LYS A 442 23.53 -4.72 8.61
N MET A 443 22.52 -5.03 7.80
CA MET A 443 21.78 -3.99 7.07
C MET A 443 21.10 -3.04 8.05
N THR A 444 21.38 -1.75 7.87
CA THR A 444 20.88 -0.68 8.74
C THR A 444 20.33 0.40 7.82
N ILE A 445 19.01 0.46 7.69
CA ILE A 445 18.35 1.18 6.60
C ILE A 445 17.89 2.55 7.03
N HIS A 446 18.05 3.53 6.13
CA HIS A 446 17.64 4.92 6.30
C HIS A 446 16.60 5.25 5.22
N GLU A 447 15.32 5.31 5.60
CA GLU A 447 14.23 5.40 4.63
C GLU A 447 14.01 6.85 4.23
N SER A 448 14.21 7.19 2.94
CA SER A 448 14.31 8.57 2.51
C SER A 448 13.43 8.87 1.30
N HIS A 449 13.18 10.17 1.09
CA HIS A 449 12.32 10.71 0.03
C HIS A 449 13.10 11.81 -0.69
N ILE A 450 12.99 11.88 -2.02
CA ILE A 450 13.81 12.83 -2.78
C ILE A 450 13.57 14.27 -2.32
N ARG A 451 12.32 14.64 -2.06
CA ARG A 451 12.10 16.02 -1.62
C ARG A 451 12.45 16.19 -0.15
N ASP A 452 12.06 15.24 0.71
CA ASP A 452 12.44 15.30 2.12
C ASP A 452 13.93 15.53 2.29
N LEU A 453 14.74 15.03 1.37
CA LEU A 453 16.18 15.15 1.52
C LEU A 453 16.66 16.58 1.28
N SER A 454 16.20 17.22 0.20
CA SER A 454 16.86 18.44 -0.25
C SER A 454 15.96 19.65 -0.41
N ALA A 455 14.63 19.51 -0.29
CA ALA A 455 13.74 20.63 -0.59
C ALA A 455 14.08 21.88 0.21
N TRP A 456 14.63 21.69 1.41
CA TRP A 456 14.85 22.77 2.37
C TRP A 456 16.30 23.16 2.52
N ASP A 457 17.23 22.45 1.89
CA ASP A 457 18.66 22.66 2.16
C ASP A 457 19.15 23.79 1.28
N GLN A 458 19.33 24.97 1.88
CA GLN A 458 19.91 26.13 1.20
C GLN A 458 21.31 25.86 0.69
N THR A 459 21.97 24.83 1.19
CA THR A 459 23.33 24.53 0.77
C THR A 459 23.36 23.53 -0.37
N VAL A 460 22.20 23.12 -0.86
CA VAL A 460 22.08 22.43 -2.14
C VAL A 460 21.79 23.49 -3.20
N PRO A 461 22.54 23.51 -4.30
CA PRO A 461 22.22 24.45 -5.40
C PRO A 461 20.74 24.49 -5.69
N ALA A 462 20.19 25.68 -5.96
CA ALA A 462 18.75 25.86 -5.99
C ALA A 462 18.10 24.92 -6.99
N GLU A 463 18.78 24.65 -8.10
CA GLU A 463 18.21 23.87 -9.17
C GLU A 463 18.30 22.37 -8.91
N LEU A 464 19.14 21.94 -7.97
CA LEU A 464 19.19 20.53 -7.60
C LEU A 464 18.25 20.17 -6.45
N ARG A 465 17.47 21.13 -5.96
CA ARG A 465 16.64 20.88 -4.78
C ARG A 465 15.41 20.08 -5.15
N GLY A 466 15.18 18.99 -4.40
CA GLY A 466 14.13 18.06 -4.74
C GLY A 466 14.43 17.19 -5.94
N LYS A 467 15.71 17.01 -6.26
CA LYS A 467 16.14 16.32 -7.47
C LYS A 467 17.07 15.17 -7.11
N TYR A 468 17.09 14.14 -7.97
CA TYR A 468 18.05 13.06 -7.81
C TYR A 468 19.46 13.59 -7.57
N LEU A 469 19.84 14.63 -8.32
CA LEU A 469 21.22 15.12 -8.35
C LEU A 469 21.63 15.86 -7.08
N ALA A 470 20.68 16.16 -6.18
CA ALA A 470 21.07 16.79 -4.92
C ALA A 470 22.06 15.93 -4.16
N LEU A 471 22.04 14.61 -4.40
CA LEU A 471 22.95 13.71 -3.71
C LEU A 471 24.37 13.84 -4.20
N THR A 472 24.60 14.62 -5.26
CA THR A 472 25.95 14.88 -5.72
C THR A 472 26.52 16.16 -5.13
N ALA A 473 25.71 16.95 -4.42
CA ALA A 473 26.15 18.23 -3.88
C ALA A 473 27.01 17.96 -2.63
N GLN A 474 28.28 17.65 -2.88
CA GLN A 474 29.15 17.08 -1.85
C GLN A 474 29.36 17.98 -0.65
N GLU A 475 29.20 19.29 -0.78
CA GLU A 475 29.39 20.17 0.37
C GLU A 475 28.09 20.60 1.03
N SER A 476 26.94 20.10 0.59
CA SER A 476 25.69 20.46 1.23
C SER A 476 25.63 19.92 2.66
N ASN A 477 24.83 20.57 3.51
CA ASN A 477 24.58 20.03 4.84
C ASN A 477 23.98 18.62 4.74
N MET A 478 23.05 18.42 3.80
CA MET A 478 22.37 17.13 3.71
C MET A 478 23.34 16.01 3.39
N VAL A 479 24.19 16.20 2.37
CA VAL A 479 25.10 15.14 1.97
C VAL A 479 26.18 14.91 3.01
N GLN A 480 26.73 15.99 3.59
N GLN A 480 26.72 15.98 3.60
CA GLN A 480 27.71 15.85 4.66
CA GLN A 480 27.72 15.80 4.65
C GLN A 480 27.12 15.06 5.82
C GLN A 480 27.13 15.06 5.83
N HIS A 481 25.89 15.39 6.20
CA HIS A 481 25.22 14.67 7.27
C HIS A 481 25.07 13.19 6.92
N LEU A 482 24.66 12.88 5.68
CA LEU A 482 24.52 11.47 5.30
C LEU A 482 25.88 10.77 5.32
N LYS A 483 26.94 11.45 4.85
CA LYS A 483 28.28 10.87 4.92
C LYS A 483 28.65 10.51 6.34
N GLN A 484 28.41 11.43 7.29
CA GLN A 484 28.62 11.11 8.71
C GLN A 484 27.86 9.87 9.12
N LEU A 485 26.55 9.82 8.81
CA LEU A 485 25.74 8.68 9.19
C LEU A 485 26.31 7.39 8.62
N SER A 486 26.72 7.42 7.35
CA SER A 486 27.30 6.22 6.75
C SER A 486 28.59 5.82 7.47
N ALA A 487 29.43 6.79 7.81
CA ALA A 487 30.68 6.46 8.45
C ALA A 487 30.46 5.77 9.79
N SER A 488 29.37 6.12 10.49
CA SER A 488 29.04 5.53 11.77
C SER A 488 28.22 4.27 11.67
N GLY A 489 27.83 3.84 10.48
CA GLY A 489 27.23 2.52 10.41
C GLY A 489 25.83 2.43 9.88
N VAL A 490 25.29 3.52 9.33
CA VAL A 490 24.11 3.42 8.48
C VAL A 490 24.56 2.90 7.12
N THR A 491 24.00 1.76 6.69
CA THR A 491 24.53 1.07 5.52
C THR A 491 23.71 1.16 4.25
N HIS A 492 22.41 1.47 4.33
CA HIS A 492 21.52 1.45 3.17
C HIS A 492 20.60 2.67 3.18
N ILE A 493 20.46 3.30 2.00
CA ILE A 493 19.39 4.26 1.76
C ILE A 493 18.22 3.51 1.11
N GLU A 494 17.03 3.65 1.67
CA GLU A 494 15.83 3.14 1.05
C GLU A 494 15.07 4.33 0.48
N LEU A 495 14.77 4.28 -0.80
CA LEU A 495 14.15 5.40 -1.51
C LEU A 495 12.66 5.16 -1.61
N LEU A 496 11.86 6.09 -1.09
CA LEU A 496 10.44 6.13 -1.42
C LEU A 496 10.29 6.27 -2.93
N PRO A 497 9.08 5.99 -3.47
CA PRO A 497 8.91 5.79 -4.93
C PRO A 497 9.70 6.70 -5.85
N VAL A 498 10.65 6.10 -6.56
CA VAL A 498 11.37 6.82 -7.59
C VAL A 498 11.18 6.20 -8.97
N PHE A 499 10.29 5.20 -9.10
CA PHE A 499 9.70 4.84 -10.39
C PHE A 499 8.73 5.94 -10.81
N ASP A 500 8.14 5.81 -11.99
CA ASP A 500 7.28 6.88 -12.51
C ASP A 500 5.96 6.86 -11.76
N LEU A 501 5.74 7.86 -10.90
CA LEU A 501 4.45 8.00 -10.24
C LEU A 501 3.54 8.95 -11.01
N ALA A 502 2.24 8.90 -10.69
CA ALA A 502 1.24 9.67 -11.45
C ALA A 502 0.87 11.02 -10.83
N THR A 503 1.07 11.21 -9.52
CA THR A 503 0.42 12.26 -8.75
C THR A 503 1.24 13.53 -8.61
N VAL A 504 2.33 13.68 -9.35
CA VAL A 504 3.03 14.95 -9.48
C VAL A 504 2.98 15.33 -10.96
N ASN A 505 2.61 16.58 -11.23
CA ASN A 505 2.63 17.06 -12.61
C ASN A 505 4.07 17.40 -12.98
N GLU A 506 4.61 16.71 -13.98
CA GLU A 506 6.00 16.94 -14.31
C GLU A 506 6.20 18.14 -15.23
N PHE A 507 5.11 18.80 -15.66
CA PHE A 507 5.24 20.09 -16.34
C PHE A 507 5.47 21.17 -15.29
N SER A 508 6.69 21.70 -15.22
CA SER A 508 7.04 22.61 -14.12
C SER A 508 6.13 23.85 -14.11
N ASP A 509 5.62 24.25 -15.27
CA ASP A 509 4.81 25.45 -15.37
C ASP A 509 3.43 25.29 -14.76
N LYS A 510 2.95 24.08 -14.53
CA LYS A 510 1.69 23.89 -13.81
C LYS A 510 1.89 23.62 -12.32
N VAL A 511 3.07 23.88 -11.78
CA VAL A 511 3.40 23.57 -10.39
C VAL A 511 3.81 24.83 -9.65
N ALA A 512 3.42 24.93 -8.38
CA ALA A 512 3.91 25.98 -7.50
C ALA A 512 4.32 25.38 -6.16
N ASP A 513 5.59 25.54 -5.81
CA ASP A 513 6.14 25.05 -4.56
C ASP A 513 6.33 26.20 -3.56
N ILE A 514 6.40 25.85 -2.28
CA ILE A 514 6.29 26.88 -1.25
C ILE A 514 7.47 27.85 -1.26
N GLN A 515 8.57 27.51 -1.92
CA GLN A 515 9.69 28.44 -2.01
C GLN A 515 9.44 29.56 -3.02
N GLN A 516 8.35 29.50 -3.78
CA GLN A 516 8.09 30.42 -4.86
C GLN A 516 7.08 31.46 -4.43
N PRO A 517 6.87 32.51 -5.24
CA PRO A 517 5.92 33.56 -4.84
C PRO A 517 4.52 33.03 -4.66
N PHE A 518 3.82 33.60 -3.68
CA PHE A 518 2.42 33.25 -3.48
C PHE A 518 1.58 33.57 -4.72
N SER A 519 1.98 34.61 -5.47
CA SER A 519 1.28 34.93 -6.72
C SER A 519 1.44 33.82 -7.74
N ARG A 520 2.57 33.09 -7.72
CA ARG A 520 2.68 31.92 -8.58
C ARG A 520 1.67 30.86 -8.18
N LEU A 521 1.42 30.70 -6.88
CA LEU A 521 0.43 29.72 -6.43
C LEU A 521 -0.96 30.09 -6.90
N CYS A 522 -1.29 31.38 -6.96
CA CYS A 522 -2.60 31.79 -7.45
C CYS A 522 -2.76 31.52 -8.94
N GLU A 523 -1.73 31.81 -9.73
CA GLU A 523 -1.73 31.48 -11.17
C GLU A 523 -2.14 30.03 -11.40
N VAL A 524 -1.44 29.10 -10.75
CA VAL A 524 -1.57 27.68 -11.07
C VAL A 524 -2.66 26.98 -10.27
N ASN A 525 -3.08 27.52 -9.14
CA ASN A 525 -4.13 26.89 -8.35
C ASN A 525 -5.30 27.87 -8.32
N SER A 526 -6.20 27.73 -9.29
CA SER A 526 -7.34 28.63 -9.35
C SER A 526 -8.18 28.58 -8.07
N ALA A 527 -8.12 27.48 -7.32
CA ALA A 527 -8.90 27.34 -6.09
C ALA A 527 -8.50 28.35 -5.01
N VAL A 528 -7.27 28.87 -5.01
CA VAL A 528 -6.91 29.76 -3.91
C VAL A 528 -7.60 31.11 -4.08
N LYS A 529 -7.82 31.54 -5.33
CA LYS A 529 -8.41 32.85 -5.57
C LYS A 529 -9.77 33.01 -4.88
N SER A 530 -10.52 31.92 -4.77
CA SER A 530 -11.78 31.92 -4.02
C SER A 530 -11.63 31.31 -2.64
N SER A 531 -10.50 31.54 -1.97
CA SER A 531 -10.27 30.96 -0.65
C SER A 531 -9.87 32.06 0.32
N GLU A 532 -9.90 31.69 1.61
CA GLU A 532 -9.60 32.59 2.72
C GLU A 532 -8.24 33.26 2.61
N PHE A 533 -7.38 32.83 1.70
CA PHE A 533 -6.04 33.37 1.57
C PHE A 533 -5.88 34.22 0.32
N ALA A 534 -6.98 34.53 -0.36
CA ALA A 534 -6.93 35.23 -1.64
C ALA A 534 -6.19 36.55 -1.54
N GLY A 535 -6.35 37.27 -0.43
CA GLY A 535 -5.69 38.55 -0.22
C GLY A 535 -4.20 38.47 -0.41
N TYR A 536 -3.62 37.27 -0.27
CA TYR A 536 -2.18 37.11 -0.32
C TYR A 536 -1.61 37.04 -1.72
N CYS A 537 -2.46 36.95 -2.76
CA CYS A 537 -1.93 36.96 -4.13
C CYS A 537 -1.15 38.24 -4.41
N ASP A 538 -1.51 39.36 -3.77
CA ASP A 538 -0.84 40.64 -3.93
C ASP A 538 0.40 40.78 -3.04
N SER A 539 0.62 39.84 -2.11
CA SER A 539 1.55 40.09 -1.02
C SER A 539 2.98 40.22 -1.50
N GLY A 540 3.32 39.61 -2.63
CA GLY A 540 4.72 39.59 -3.01
C GLY A 540 5.62 38.80 -2.10
N SER A 541 5.06 38.05 -1.15
CA SER A 541 5.83 37.15 -0.32
C SER A 541 5.58 35.70 -0.76
N THR A 542 6.54 34.83 -0.43
CA THR A 542 6.47 33.45 -0.84
C THR A 542 5.39 32.71 -0.05
N VAL A 543 5.01 31.53 -0.54
CA VAL A 543 4.06 30.71 0.20
C VAL A 543 4.66 30.26 1.51
N GLU A 544 5.94 29.89 1.49
CA GLU A 544 6.68 29.58 2.70
C GLU A 544 6.59 30.72 3.70
N GLU A 545 6.87 31.95 3.26
CA GLU A 545 6.78 33.11 4.13
C GLU A 545 5.37 33.28 4.66
N VAL A 546 4.37 33.01 3.84
CA VAL A 546 3.00 33.14 4.31
C VAL A 546 2.72 32.11 5.40
N LEU A 547 2.99 30.83 5.10
CA LEU A 547 2.71 29.77 6.06
C LEU A 547 3.39 30.03 7.39
N THR A 548 4.57 30.64 7.37
CA THR A 548 5.25 30.98 8.62
C THR A 548 4.42 31.99 9.42
N GLN A 549 3.91 33.03 8.75
CA GLN A 549 3.08 34.03 9.44
C GLN A 549 1.81 33.40 10.02
N LEU A 550 1.25 32.39 9.35
CA LEU A 550 0.03 31.77 9.85
C LEU A 550 0.24 30.97 11.13
N LYS A 551 1.49 30.66 11.50
CA LYS A 551 1.70 29.91 12.73
C LYS A 551 1.24 30.70 13.95
N GLN A 552 1.28 32.04 13.85
CA GLN A 552 1.08 32.91 15.01
C GLN A 552 -0.27 32.67 15.67
N ASN A 553 -1.34 32.70 14.89
N ASN A 553 -1.34 32.70 14.89
CA ASN A 553 -2.69 32.54 15.40
CA ASN A 553 -2.69 32.54 15.40
C ASN A 553 -3.23 31.12 15.18
C ASN A 553 -3.23 31.12 15.18
N ASP A 554 -2.38 30.21 14.70
CA ASP A 554 -2.83 28.87 14.37
C ASP A 554 -3.15 28.07 15.63
N SER A 555 -4.30 27.42 15.64
CA SER A 555 -4.69 26.65 16.82
C SER A 555 -5.73 25.62 16.42
N LYS A 556 -6.07 24.75 17.38
N LYS A 556 -6.06 24.75 17.38
CA LYS A 556 -7.08 23.73 17.14
CA LYS A 556 -7.09 23.74 17.17
C LYS A 556 -8.43 24.34 16.79
C LYS A 556 -8.40 24.36 16.73
N ASP A 557 -8.62 25.63 17.07
CA ASP A 557 -9.81 26.34 16.65
C ASP A 557 -9.59 27.10 15.34
N ASN A 558 -8.35 27.53 15.07
CA ASN A 558 -8.01 28.27 13.85
C ASN A 558 -6.87 27.55 13.11
N PRO A 559 -7.16 26.26 12.52
CA PRO A 559 -6.09 25.50 11.84
C PRO A 559 -5.74 26.07 10.47
N GLN A 560 -5.24 27.30 10.47
CA GLN A 560 -5.07 28.03 9.22
C GLN A 560 -3.85 27.58 8.44
N VAL A 561 -2.80 27.14 9.13
CA VAL A 561 -1.60 26.63 8.45
C VAL A 561 -1.97 25.42 7.61
N GLN A 562 -2.69 24.49 8.21
CA GLN A 562 -3.16 23.33 7.49
C GLN A 562 -4.17 23.71 6.41
N ALA A 563 -4.98 24.75 6.64
CA ALA A 563 -6.00 25.11 5.66
C ALA A 563 -5.37 25.55 4.36
N LEU A 564 -4.40 26.46 4.44
CA LEU A 564 -3.66 26.84 3.25
C LEU A 564 -2.95 25.64 2.65
N ASN A 565 -2.29 24.84 3.50
CA ASN A 565 -1.43 23.81 2.97
C ASN A 565 -2.21 22.76 2.17
N THR A 566 -3.50 22.58 2.47
CA THR A 566 -4.32 21.64 1.71
C THR A 566 -4.44 22.06 0.24
N LEU A 567 -4.58 23.35 0.00
CA LEU A 567 -4.58 23.87 -1.37
C LEU A 567 -3.22 23.70 -2.02
N VAL A 568 -2.15 24.10 -1.31
CA VAL A 568 -0.79 23.93 -1.83
C VAL A 568 -0.59 22.50 -2.29
N ALA A 569 -1.10 21.54 -1.52
CA ALA A 569 -0.87 20.13 -1.77
C ALA A 569 -1.38 19.68 -3.13
N GLN A 570 -2.36 20.41 -3.68
CA GLN A 570 -2.97 20.00 -4.94
C GLN A 570 -2.02 20.21 -6.10
N THR A 571 -1.22 21.28 -6.04
CA THR A 571 -0.45 21.73 -7.20
C THR A 571 1.04 21.86 -6.89
N ASP A 572 1.53 21.27 -5.80
CA ASP A 572 2.96 21.33 -5.55
C ASP A 572 3.66 20.13 -6.17
N SER A 573 4.96 20.02 -5.92
CA SER A 573 5.77 18.93 -6.43
C SER A 573 5.81 17.73 -5.50
N TYR A 574 5.03 17.74 -4.40
CA TYR A 574 5.24 16.80 -3.32
C TYR A 574 4.21 15.66 -3.35
N ASN A 575 4.72 14.42 -3.31
CA ASN A 575 3.91 13.26 -2.98
C ASN A 575 4.84 12.11 -2.62
N TRP A 576 4.43 11.27 -1.65
CA TRP A 576 5.22 10.05 -1.41
C TRP A 576 5.38 9.28 -2.71
N GLY A 577 4.34 9.26 -3.54
CA GLY A 577 4.40 8.62 -4.84
C GLY A 577 3.97 7.17 -4.91
N TYR A 578 3.10 6.72 -4.00
CA TYR A 578 2.67 5.32 -4.03
C TYR A 578 1.57 5.16 -5.05
N ASP A 579 1.85 5.65 -6.28
CA ASP A 579 0.81 5.95 -7.28
C ASP A 579 1.35 5.63 -8.67
N PRO A 580 1.46 4.36 -9.02
CA PRO A 580 2.30 3.96 -10.16
C PRO A 580 1.68 4.31 -11.51
N PHE A 581 2.48 4.99 -12.35
CA PHE A 581 2.15 5.27 -13.74
C PHE A 581 2.90 4.31 -14.67
N HIS A 582 4.23 4.29 -14.58
CA HIS A 582 5.00 3.25 -15.26
C HIS A 582 5.99 2.62 -14.29
N TYR A 583 6.06 1.29 -14.28
CA TYR A 583 6.81 0.59 -13.24
C TYR A 583 8.32 0.61 -13.46
N THR A 584 8.79 0.91 -14.67
CA THR A 584 10.19 0.69 -15.02
C THR A 584 10.80 1.90 -15.72
N VAL A 585 10.32 3.09 -15.39
CA VAL A 585 10.99 4.34 -15.75
C VAL A 585 11.17 5.13 -14.46
N PRO A 586 12.25 5.89 -14.28
CA PRO A 586 12.34 6.79 -13.12
C PRO A 586 11.27 7.88 -13.18
N GLU A 587 10.94 8.40 -12.00
CA GLU A 587 10.09 9.58 -11.90
C GLU A 587 10.73 10.75 -12.62
N GLY A 588 9.93 11.51 -13.36
CA GLY A 588 10.48 12.62 -14.11
C GLY A 588 10.60 13.93 -13.36
N SER A 589 9.71 14.17 -12.38
CA SER A 589 9.79 15.43 -11.65
C SER A 589 11.06 15.54 -10.81
N TYR A 590 11.70 14.42 -10.47
CA TYR A 590 12.96 14.47 -9.72
C TYR A 590 14.17 14.64 -10.62
N ALA A 591 13.96 14.71 -11.93
CA ALA A 591 15.01 15.07 -12.89
C ALA A 591 14.99 16.58 -13.11
N THR A 592 16.16 17.15 -13.41
CA THR A 592 16.19 18.55 -13.81
C THR A 592 15.42 18.74 -15.12
N ASP A 593 15.44 17.73 -15.99
CA ASP A 593 14.76 17.79 -17.28
C ASP A 593 13.95 16.52 -17.50
N PRO A 594 12.62 16.58 -17.40
CA PRO A 594 11.79 15.37 -17.51
C PRO A 594 11.45 14.95 -18.94
N GLU A 595 12.03 15.57 -19.94
CA GLU A 595 11.69 15.28 -21.33
C GLU A 595 12.72 14.32 -21.91
N GLY A 596 12.31 13.09 -22.16
CA GLY A 596 13.24 12.16 -22.76
C GLY A 596 14.14 11.49 -21.73
N THR A 597 15.36 11.23 -22.14
CA THR A 597 16.23 10.29 -21.45
C THR A 597 17.08 10.88 -20.34
N ALA A 598 17.02 12.21 -20.12
CA ALA A 598 17.89 12.82 -19.11
C ALA A 598 17.72 12.17 -17.74
N ARG A 599 16.48 11.86 -17.36
CA ARG A 599 16.23 11.31 -16.03
C ARG A 599 16.99 10.01 -15.81
N ILE A 600 17.29 9.28 -16.88
CA ILE A 600 17.96 8.00 -16.74
C ILE A 600 19.39 8.20 -16.26
N LYS A 601 20.10 9.15 -16.89
CA LYS A 601 21.47 9.41 -16.47
C LYS A 601 21.53 10.12 -15.11
N GLU A 602 20.58 11.02 -14.84
CA GLU A 602 20.52 11.67 -13.53
C GLU A 602 20.26 10.64 -12.44
N PHE A 603 19.34 9.70 -12.67
CA PHE A 603 19.07 8.66 -11.69
C PHE A 603 20.33 7.84 -11.40
N ARG A 604 21.00 7.35 -12.44
CA ARG A 604 22.22 6.57 -12.21
C ARG A 604 23.31 7.42 -11.55
N THR A 605 23.33 8.73 -11.81
CA THR A 605 24.31 9.58 -11.16
C THR A 605 24.04 9.66 -9.65
N MET A 606 22.76 9.76 -9.27
CA MET A 606 22.38 9.65 -7.87
C MET A 606 22.83 8.31 -7.27
N ILE A 607 22.39 7.20 -7.89
CA ILE A 607 22.76 5.85 -7.45
C ILE A 607 24.27 5.74 -7.27
N GLN A 608 25.03 6.28 -8.23
CA GLN A 608 26.48 6.20 -8.13
C GLN A 608 27.00 7.01 -6.95
N ALA A 609 26.47 8.21 -6.71
CA ALA A 609 26.95 8.98 -5.57
C ALA A 609 26.62 8.32 -4.24
N ILE A 610 25.48 7.64 -4.14
CA ILE A 610 25.13 7.01 -2.87
C ILE A 610 26.12 5.89 -2.55
N LYS A 611 26.39 5.02 -3.53
CA LYS A 611 27.28 3.90 -3.30
C LYS A 611 28.73 4.36 -3.15
N GLN A 612 29.18 5.27 -4.02
CA GLN A 612 30.59 5.57 -4.20
C GLN A 612 31.03 6.76 -3.36
N ASP A 613 30.16 7.71 -3.12
CA ASP A 613 30.47 8.90 -2.36
C ASP A 613 29.91 8.86 -0.93
N LEU A 614 28.75 8.25 -0.73
CA LEU A 614 28.26 8.05 0.62
C LEU A 614 28.61 6.69 1.17
N GLY A 615 28.82 5.68 0.32
CA GLY A 615 29.19 4.38 0.83
C GLY A 615 28.02 3.54 1.30
N MET A 616 26.85 3.73 0.71
CA MET A 616 25.66 3.00 1.13
C MET A 616 25.05 2.22 -0.03
N ASN A 617 24.43 1.10 0.30
CA ASN A 617 23.61 0.39 -0.67
C ASN A 617 22.27 1.10 -0.84
N VAL A 618 21.56 0.76 -1.92
CA VAL A 618 20.30 1.41 -2.24
C VAL A 618 19.21 0.36 -2.32
N ILE A 619 18.13 0.58 -1.56
CA ILE A 619 16.89 -0.18 -1.69
C ILE A 619 15.85 0.72 -2.34
N MET A 620 15.03 0.14 -3.23
CA MET A 620 13.89 0.83 -3.83
C MET A 620 12.58 0.33 -3.24
N ASP A 621 11.73 1.27 -2.82
CA ASP A 621 10.32 0.95 -2.64
C ASP A 621 9.67 0.64 -3.97
N VAL A 622 8.99 -0.51 -4.07
CA VAL A 622 8.23 -0.80 -5.29
C VAL A 622 6.80 -1.11 -4.89
N VAL A 623 5.87 -0.78 -5.80
CA VAL A 623 4.45 -0.77 -5.53
C VAL A 623 3.70 -1.49 -6.66
N TYR A 624 3.89 -2.81 -6.74
CA TYR A 624 3.24 -3.64 -7.77
C TYR A 624 1.86 -4.13 -7.37
N ASN A 625 1.42 -3.84 -6.15
CA ASN A 625 0.14 -4.31 -5.66
C ASN A 625 -1.04 -3.52 -6.21
N HIS A 626 -0.78 -2.38 -6.83
CA HIS A 626 -1.88 -1.66 -7.46
C HIS A 626 -1.35 -0.79 -8.57
N THR A 627 -2.28 -0.26 -9.35
CA THR A 627 -2.03 0.71 -10.40
C THR A 627 -2.74 1.99 -10.01
N ASN A 628 -2.33 3.10 -10.61
CA ASN A 628 -2.94 4.36 -10.21
C ASN A 628 -4.39 4.45 -10.65
N ALA A 629 -4.76 3.79 -11.74
CA ALA A 629 -6.11 3.88 -12.27
C ALA A 629 -6.37 2.69 -13.17
N ALA A 630 -7.65 2.45 -13.45
CA ALA A 630 -8.06 1.40 -14.38
C ALA A 630 -9.15 1.97 -15.26
N GLY A 631 -9.78 1.10 -16.06
CA GLY A 631 -10.84 1.55 -16.94
C GLY A 631 -10.35 2.22 -18.20
N PRO A 632 -11.26 2.49 -19.13
CA PRO A 632 -10.90 2.96 -20.46
C PRO A 632 -10.71 4.46 -20.64
N THR A 633 -10.88 5.28 -19.61
CA THR A 633 -10.82 6.72 -19.83
C THR A 633 -9.70 7.44 -19.09
N ASP A 634 -9.35 7.01 -17.87
CA ASP A 634 -8.41 7.76 -17.05
C ASP A 634 -7.04 7.85 -17.71
N ARG A 635 -6.44 9.05 -17.64
CA ARG A 635 -5.14 9.31 -18.25
C ARG A 635 -4.06 8.34 -17.77
N THR A 636 -4.14 7.86 -16.52
CA THR A 636 -3.09 7.02 -15.96
C THR A 636 -3.45 5.55 -15.96
N SER A 637 -4.55 5.17 -16.60
CA SER A 637 -4.85 3.75 -16.82
C SER A 637 -4.02 3.29 -18.01
N VAL A 638 -3.01 2.48 -17.77
CA VAL A 638 -2.19 1.94 -18.85
C VAL A 638 -2.48 0.46 -19.06
N LEU A 639 -2.19 -0.37 -18.05
CA LEU A 639 -2.38 -1.81 -18.19
C LEU A 639 -3.82 -2.17 -18.49
N ASP A 640 -4.76 -1.46 -17.90
CA ASP A 640 -6.16 -1.84 -18.07
C ASP A 640 -6.78 -1.31 -19.34
N LYS A 641 -6.06 -0.47 -20.10
CA LYS A 641 -6.49 -0.09 -21.45
C LYS A 641 -6.03 -1.08 -22.50
N ILE A 642 -4.91 -1.76 -22.25
CA ILE A 642 -4.32 -2.64 -23.25
C ILE A 642 -4.88 -4.05 -23.16
N VAL A 643 -4.97 -4.60 -21.95
CA VAL A 643 -5.61 -5.89 -21.74
C VAL A 643 -6.68 -5.71 -20.66
N PRO A 644 -7.83 -5.16 -20.99
CA PRO A 644 -8.86 -4.88 -19.97
C PRO A 644 -9.19 -6.10 -19.12
N TRP A 645 -9.33 -5.85 -17.81
CA TRP A 645 -9.75 -6.82 -16.78
C TRP A 645 -8.77 -7.96 -16.59
N TYR A 646 -7.54 -7.83 -17.09
CA TYR A 646 -6.58 -8.89 -16.82
C TYR A 646 -5.61 -8.52 -15.71
N TYR A 647 -5.11 -7.29 -15.69
CA TYR A 647 -4.07 -6.90 -14.77
C TYR A 647 -4.61 -6.45 -13.42
N GLN A 648 -5.91 -6.15 -13.34
CA GLN A 648 -6.54 -5.74 -12.09
C GLN A 648 -7.25 -6.91 -11.43
N ARG A 649 -7.26 -6.92 -10.10
CA ARG A 649 -8.06 -7.89 -9.37
C ARG A 649 -9.48 -7.39 -9.29
N LEU A 650 -10.43 -8.26 -9.63
CA LEU A 650 -11.82 -7.89 -9.78
C LEU A 650 -12.68 -8.59 -8.73
N ASN A 651 -13.74 -7.89 -8.32
CA ASN A 651 -14.83 -8.51 -7.58
C ASN A 651 -15.44 -9.66 -8.39
N GLU A 652 -15.52 -10.85 -7.79
CA GLU A 652 -15.99 -12.02 -8.52
C GLU A 652 -17.44 -11.90 -8.96
N THR A 653 -18.20 -10.96 -8.40
CA THR A 653 -19.59 -10.80 -8.79
C THR A 653 -19.83 -9.61 -9.69
N THR A 654 -19.33 -8.44 -9.32
CA THR A 654 -19.61 -7.23 -10.08
C THR A 654 -18.62 -6.98 -11.21
N GLY A 655 -17.46 -7.64 -11.18
CA GLY A 655 -16.38 -7.32 -12.09
C GLY A 655 -15.69 -5.99 -11.85
N SER A 656 -15.98 -5.34 -10.73
CA SER A 656 -15.38 -4.04 -10.45
C SER A 656 -13.95 -4.19 -9.94
N VAL A 657 -13.12 -3.22 -10.32
CA VAL A 657 -11.73 -3.18 -9.86
C VAL A 657 -11.74 -2.93 -8.37
N GLU A 658 -11.15 -3.84 -7.61
CA GLU A 658 -11.13 -3.69 -6.16
C GLU A 658 -10.13 -2.60 -5.76
N SER A 659 -10.33 -2.05 -4.56
CA SER A 659 -9.56 -0.92 -4.07
C SER A 659 -9.04 -1.14 -2.64
N ALA A 660 -8.87 -2.39 -2.22
CA ALA A 660 -8.42 -2.66 -0.87
C ALA A 660 -7.00 -2.13 -0.62
N THR A 661 -6.19 -1.96 -1.67
CA THR A 661 -4.86 -1.40 -1.46
C THR A 661 -4.93 0.08 -1.13
N CYS A 662 -5.97 0.76 -1.62
CA CYS A 662 -6.21 2.21 -1.63
C CYS A 662 -6.85 2.59 -2.96
N CYS A 663 -6.45 1.88 -4.02
CA CYS A 663 -6.51 2.46 -5.36
C CYS A 663 -7.09 1.46 -6.35
N SER A 664 -6.33 1.01 -7.36
CA SER A 664 -6.81 -0.01 -8.30
C SER A 664 -5.98 -1.27 -8.09
N ASP A 665 -6.56 -2.25 -7.40
CA ASP A 665 -5.81 -3.44 -7.04
C ASP A 665 -5.36 -4.20 -8.29
N SER A 666 -4.10 -4.63 -8.28
CA SER A 666 -3.52 -5.41 -9.35
C SER A 666 -3.67 -6.91 -9.07
N ALA A 667 -3.33 -7.72 -10.08
CA ALA A 667 -3.50 -9.17 -10.04
C ALA A 667 -2.17 -9.87 -10.30
N PRO A 668 -1.25 -9.87 -9.32
CA PRO A 668 0.03 -10.58 -9.51
C PRO A 668 -0.09 -12.09 -9.52
N GLU A 669 -1.26 -12.64 -9.16
CA GLU A 669 -1.53 -14.05 -9.39
C GLU A 669 -1.69 -14.39 -10.88
N HIS A 670 -1.85 -13.40 -11.74
CA HIS A 670 -1.96 -13.64 -13.17
C HIS A 670 -0.59 -13.67 -13.84
N ARG A 671 -0.40 -14.68 -14.68
CA ARG A 671 0.95 -15.02 -15.15
C ARG A 671 1.65 -13.86 -15.86
N MET A 672 0.92 -13.10 -16.69
CA MET A 672 1.60 -12.04 -17.42
C MET A 672 1.86 -10.81 -16.56
N PHE A 673 1.13 -10.62 -15.47
CA PHE A 673 1.53 -9.57 -14.55
C PHE A 673 2.71 -10.02 -13.72
N ALA A 674 2.71 -11.28 -13.30
CA ALA A 674 3.90 -11.85 -12.66
C ALA A 674 5.14 -11.65 -13.52
N LYS A 675 5.01 -11.86 -14.84
CA LYS A 675 6.16 -11.67 -15.71
C LYS A 675 6.56 -10.20 -15.77
N LEU A 676 5.58 -9.32 -15.93
CA LEU A 676 5.89 -7.88 -15.99
C LEU A 676 6.58 -7.43 -14.71
N ILE A 677 6.16 -7.96 -13.55
CA ILE A 677 6.85 -7.62 -12.30
C ILE A 677 8.30 -8.10 -12.34
N ALA A 678 8.51 -9.36 -12.72
CA ALA A 678 9.86 -9.89 -12.69
C ALA A 678 10.76 -9.20 -13.72
N ASP A 679 10.23 -8.97 -14.93
CA ASP A 679 10.95 -8.21 -15.95
C ASP A 679 11.32 -6.82 -15.44
N SER A 680 10.36 -6.14 -14.80
CA SER A 680 10.61 -4.82 -14.26
C SER A 680 11.77 -4.82 -13.27
N LEU A 681 11.74 -5.75 -12.29
CA LEU A 681 12.80 -5.81 -11.30
C LEU A 681 14.13 -6.17 -11.94
N ALA A 682 14.09 -7.00 -12.99
CA ALA A 682 15.32 -7.31 -13.71
C ALA A 682 16.00 -6.03 -14.20
N VAL A 683 15.22 -5.10 -14.73
CA VAL A 683 15.78 -3.84 -15.22
C VAL A 683 16.34 -3.01 -14.06
N TRP A 684 15.53 -2.78 -13.03
CA TRP A 684 16.04 -2.04 -11.87
C TRP A 684 17.29 -2.71 -11.30
N THR A 685 17.33 -4.05 -11.30
CA THR A 685 18.51 -4.74 -10.77
C THR A 685 19.73 -4.51 -11.66
N THR A 686 19.61 -4.84 -12.94
CA THR A 686 20.76 -4.87 -13.84
C THR A 686 21.08 -3.50 -14.38
N ASP A 687 20.07 -2.76 -14.84
CA ASP A 687 20.32 -1.50 -15.51
C ASP A 687 20.50 -0.34 -14.53
N TYR A 688 19.97 -0.45 -13.32
CA TYR A 688 20.11 0.61 -12.34
C TYR A 688 20.84 0.20 -11.06
N LYS A 689 21.29 -1.06 -10.97
CA LYS A 689 22.15 -1.52 -9.86
C LYS A 689 21.50 -1.32 -8.49
N ILE A 690 20.20 -1.61 -8.42
CA ILE A 690 19.48 -1.55 -7.15
C ILE A 690 19.83 -2.78 -6.31
N ASP A 691 20.21 -2.56 -5.06
CA ASP A 691 20.67 -3.66 -4.22
C ASP A 691 19.55 -4.40 -3.53
N GLY A 692 18.35 -3.86 -3.46
CA GLY A 692 17.25 -4.60 -2.89
C GLY A 692 15.97 -3.82 -3.07
N PHE A 693 14.87 -4.53 -2.81
CA PHE A 693 13.52 -4.05 -3.07
C PHE A 693 12.65 -4.28 -1.85
N ARG A 694 11.86 -3.28 -1.49
CA ARG A 694 10.84 -3.41 -0.46
C ARG A 694 9.49 -3.34 -1.16
N PHE A 695 8.70 -4.39 -1.01
CA PHE A 695 7.40 -4.46 -1.64
C PHE A 695 6.33 -3.84 -0.74
N ASP A 696 5.71 -2.76 -1.22
CA ASP A 696 4.52 -2.21 -0.59
C ASP A 696 3.39 -3.22 -0.64
N LEU A 697 2.66 -3.35 0.47
CA LEU A 697 1.53 -4.28 0.58
C LEU A 697 1.84 -5.65 0.00
N MET A 698 3.01 -6.18 0.36
CA MET A 698 3.49 -7.43 -0.22
C MET A 698 2.53 -8.58 0.02
N LEU A 699 1.74 -8.50 1.08
CA LEU A 699 0.82 -9.60 1.33
C LEU A 699 -0.35 -9.62 0.37
N TYR A 700 -0.48 -8.63 -0.52
CA TYR A 700 -1.43 -8.74 -1.61
C TYR A 700 -0.91 -9.58 -2.76
N HIS A 701 0.31 -10.13 -2.66
CA HIS A 701 0.98 -10.95 -3.64
C HIS A 701 0.98 -12.41 -3.21
N PRO A 702 0.84 -13.36 -4.13
CA PRO A 702 1.06 -14.76 -3.77
C PRO A 702 2.48 -15.00 -3.29
N LYS A 703 2.60 -15.81 -2.24
CA LYS A 703 3.91 -16.28 -1.80
C LYS A 703 4.70 -16.87 -2.97
N ALA A 704 4.05 -17.69 -3.80
CA ALA A 704 4.75 -18.34 -4.90
C ALA A 704 5.23 -17.32 -5.94
N GLN A 705 4.40 -16.31 -6.24
CA GLN A 705 4.81 -15.26 -7.17
C GLN A 705 6.03 -14.50 -6.64
N ILE A 706 6.01 -14.14 -5.35
CA ILE A 706 7.14 -13.41 -4.78
C ILE A 706 8.39 -14.28 -4.78
N LEU A 707 8.25 -15.57 -4.48
CA LEU A 707 9.43 -16.43 -4.51
C LEU A 707 9.93 -16.62 -5.94
N SER A 708 9.01 -16.71 -6.90
CA SER A 708 9.40 -16.80 -8.32
C SER A 708 10.18 -15.57 -8.76
N ALA A 709 9.65 -14.37 -8.48
CA ALA A 709 10.41 -13.16 -8.81
C ALA A 709 11.78 -13.18 -8.17
N TRP A 710 11.88 -13.71 -6.96
CA TRP A 710 13.15 -13.67 -6.25
C TRP A 710 14.17 -14.60 -6.92
N GLU A 711 13.76 -15.81 -7.29
CA GLU A 711 14.68 -16.72 -7.96
C GLU A 711 15.11 -16.15 -9.30
N ARG A 712 14.19 -15.51 -10.02
CA ARG A 712 14.53 -14.82 -11.26
C ARG A 712 15.61 -13.76 -11.03
N ILE A 713 15.44 -12.92 -10.01
CA ILE A 713 16.38 -11.83 -9.81
C ILE A 713 17.72 -12.36 -9.25
N LYS A 714 17.67 -13.43 -8.46
CA LYS A 714 18.93 -13.97 -7.93
C LYS A 714 19.80 -14.56 -9.04
N ALA A 715 19.19 -15.05 -10.13
CA ALA A 715 19.97 -15.48 -11.30
C ALA A 715 20.77 -14.32 -11.88
N LEU A 716 20.31 -13.09 -11.67
CA LEU A 716 21.03 -11.92 -12.14
C LEU A 716 22.07 -11.48 -11.13
N ASN A 717 21.67 -11.37 -9.87
CA ASN A 717 22.60 -11.07 -8.79
C ASN A 717 22.20 -11.87 -7.55
N PRO A 718 23.05 -12.80 -7.10
CA PRO A 718 22.65 -13.68 -5.99
C PRO A 718 22.39 -12.95 -4.68
N ASP A 719 22.96 -11.77 -4.52
CA ASP A 719 22.92 -11.04 -3.26
C ASP A 719 21.70 -10.12 -3.12
N ILE A 720 20.80 -10.08 -4.09
CA ILE A 720 19.63 -9.20 -3.99
C ILE A 720 18.77 -9.59 -2.78
N TYR A 721 18.25 -8.59 -2.08
CA TYR A 721 17.44 -8.83 -0.89
C TYR A 721 16.03 -8.34 -1.15
N PHE A 722 15.05 -9.18 -0.83
CA PHE A 722 13.62 -8.91 -1.02
C PHE A 722 12.98 -8.79 0.35
N PHE A 723 12.17 -7.75 0.58
CA PHE A 723 11.37 -7.70 1.79
C PHE A 723 10.14 -6.84 1.51
N GLY A 724 9.17 -6.89 2.43
CA GLY A 724 7.94 -6.15 2.22
C GLY A 724 7.14 -5.94 3.50
N GLU A 725 6.08 -5.15 3.36
N GLU A 725 5.97 -5.34 3.35
CA GLU A 725 5.21 -4.75 4.45
CA GLU A 725 5.04 -5.14 4.45
C GLU A 725 3.80 -5.23 4.18
C GLU A 725 3.85 -6.08 4.30
N GLY A 726 3.05 -5.44 5.27
N GLY A 726 3.62 -6.91 5.33
CA GLY A 726 1.69 -5.95 5.15
CA GLY A 726 2.46 -7.78 5.38
C GLY A 726 0.99 -6.20 6.47
C GLY A 726 1.46 -7.40 6.47
N TRP A 727 -0.34 -6.06 6.44
N TRP A 727 0.45 -6.60 6.11
CA TRP A 727 -1.17 -6.25 7.62
CA TRP A 727 -0.55 -6.10 7.06
C TRP A 727 -2.58 -6.70 7.23
C TRP A 727 -1.85 -6.92 7.06
N ASP A 728 -3.07 -6.25 6.08
N ASP A 728 -2.87 -6.47 6.32
CA ASP A 728 -4.45 -6.51 5.67
CA ASP A 728 -4.23 -7.00 6.50
C ASP A 728 -4.56 -7.69 4.72
C ASP A 728 -4.81 -7.64 5.24
N SER A 729 -4.67 -7.39 3.41
N SER A 729 -4.13 -8.65 4.67
CA SER A 729 -4.88 -8.34 2.32
CA SER A 729 -4.60 -9.25 3.44
C SER A 729 -6.31 -8.86 2.30
C SER A 729 -5.91 -9.99 3.66
N ASN A 730 -6.61 -9.82 3.18
N ASN A 730 -6.90 -9.63 2.86
CA ASN A 730 -7.83 -10.61 3.09
CA ASN A 730 -8.16 -10.37 2.74
C ASN A 730 -7.97 -11.24 1.70
C ASN A 730 -8.05 -11.53 1.76
N GLN A 731 -6.86 -11.83 1.23
CA GLN A 731 -6.76 -12.54 -0.04
C GLN A 731 -6.38 -14.00 0.11
N SER A 732 -6.41 -14.55 1.33
CA SER A 732 -6.04 -15.95 1.49
C SER A 732 -7.01 -16.89 0.80
N ASP A 733 -8.23 -16.43 0.51
CA ASP A 733 -9.19 -17.24 -0.22
C ASP A 733 -8.76 -17.48 -1.67
N ARG A 734 -7.87 -16.65 -2.22
CA ARG A 734 -7.48 -16.79 -3.63
C ARG A 734 -6.17 -17.53 -3.83
N PHE A 735 -5.27 -17.47 -2.85
CA PHE A 735 -3.94 -18.05 -2.93
C PHE A 735 -3.31 -17.90 -1.56
N GLU A 736 -2.17 -18.58 -1.37
CA GLU A 736 -1.35 -18.38 -0.18
C GLU A 736 -0.65 -17.03 -0.27
N ILE A 737 -1.01 -16.10 0.61
CA ILE A 737 -0.46 -14.74 0.52
C ILE A 737 0.97 -14.72 1.03
N ALA A 738 1.70 -13.68 0.62
CA ALA A 738 3.10 -13.51 1.03
C ALA A 738 3.12 -12.68 2.33
N SER A 739 2.77 -13.36 3.44
CA SER A 739 2.60 -12.74 4.76
C SER A 739 3.76 -13.13 5.68
N GLN A 740 3.86 -12.39 6.81
CA GLN A 740 4.88 -12.68 7.81
C GLN A 740 4.88 -14.16 8.19
N ILE A 741 3.70 -14.73 8.39
CA ILE A 741 3.60 -16.11 8.85
C ILE A 741 4.03 -17.08 7.75
N ASN A 742 3.49 -16.89 6.54
CA ASN A 742 3.78 -17.80 5.43
C ASN A 742 5.21 -17.67 4.93
N LEU A 743 5.91 -16.58 5.21
CA LEU A 743 7.23 -16.41 4.65
C LEU A 743 8.31 -17.00 5.54
N LYS A 744 7.94 -17.59 6.67
CA LYS A 744 8.92 -18.20 7.56
C LYS A 744 9.76 -19.21 6.79
N GLY A 745 11.09 -19.04 6.86
CA GLY A 745 12.01 -19.93 6.20
C GLY A 745 12.37 -19.55 4.78
N THR A 746 11.57 -18.71 4.13
CA THR A 746 11.82 -18.40 2.72
C THR A 746 13.02 -17.48 2.53
N GLY A 747 13.47 -16.79 3.58
CA GLY A 747 14.43 -15.73 3.38
C GLY A 747 13.86 -14.44 2.83
N ILE A 748 12.55 -14.35 2.65
CA ILE A 748 11.90 -13.08 2.28
C ILE A 748 11.62 -12.29 3.55
N GLY A 749 12.25 -11.13 3.68
CA GLY A 749 12.09 -10.34 4.90
C GLY A 749 10.74 -9.66 4.99
N THR A 750 10.29 -9.38 6.22
CA THR A 750 9.06 -8.63 6.43
C THR A 750 9.24 -7.64 7.59
N PHE A 751 8.61 -6.47 7.46
CA PHE A 751 8.59 -5.53 8.57
C PHE A 751 7.87 -6.18 9.74
N SER A 752 8.47 -6.12 10.93
CA SER A 752 7.79 -6.63 12.11
C SER A 752 7.11 -5.46 12.80
N ASP A 753 5.81 -5.57 13.00
CA ASP A 753 5.09 -4.60 13.82
C ASP A 753 5.06 -4.95 15.31
N ARG A 754 5.74 -6.02 15.74
CA ARG A 754 5.75 -6.42 17.14
C ARG A 754 6.55 -5.46 18.03
N LEU A 755 7.87 -5.43 17.84
CA LEU A 755 8.70 -4.52 18.63
C LEU A 755 8.29 -3.07 18.41
N ARG A 756 7.93 -2.73 17.17
CA ARG A 756 7.46 -1.40 16.83
C ARG A 756 6.38 -0.92 17.78
N ASP A 757 5.30 -1.69 17.92
CA ASP A 757 4.20 -1.25 18.77
C ASP A 757 4.57 -1.31 20.25
N ALA A 758 5.40 -2.28 20.66
CA ALA A 758 5.78 -2.39 22.07
C ALA A 758 6.62 -1.20 22.52
N VAL A 759 7.53 -0.73 21.66
CA VAL A 759 8.41 0.36 22.03
C VAL A 759 7.72 1.71 21.83
N ARG A 760 7.02 1.88 20.70
CA ARG A 760 6.29 3.13 20.46
C ARG A 760 5.10 3.28 21.40
N GLY A 761 4.45 2.17 21.75
CA GLY A 761 3.18 2.21 22.45
C GLY A 761 1.98 2.20 21.51
N GLY A 762 0.96 1.41 21.81
CA GLY A 762 -0.30 1.54 21.12
C GLY A 762 -0.30 0.89 19.75
N GLY A 763 -0.94 1.55 18.79
CA GLY A 763 -1.04 1.04 17.45
C GLY A 763 -1.43 2.15 16.48
N PRO A 764 -1.31 1.87 15.17
CA PRO A 764 -1.52 2.93 14.16
C PRO A 764 -2.93 3.47 14.12
N PHE A 765 -3.93 2.71 14.55
CA PHE A 765 -5.31 3.20 14.50
C PHE A 765 -5.77 3.86 15.81
N ASP A 766 -4.88 4.08 16.79
CA ASP A 766 -5.29 4.85 17.96
C ASP A 766 -5.65 6.27 17.55
N SER A 767 -6.63 6.85 18.24
CA SER A 767 -6.87 8.27 18.08
C SER A 767 -7.37 8.84 19.40
N GLY A 768 -7.38 10.17 19.48
CA GLY A 768 -7.86 10.83 20.68
C GLY A 768 -6.99 10.54 21.88
N ASP A 769 -7.63 10.37 23.04
CA ASP A 769 -6.89 10.18 24.27
C ASP A 769 -6.05 8.91 24.24
N ALA A 770 -6.46 7.92 23.45
CA ALA A 770 -5.69 6.67 23.39
C ALA A 770 -4.26 6.91 22.90
N LEU A 771 -4.04 7.96 22.14
CA LEU A 771 -2.69 8.27 21.69
C LEU A 771 -1.77 8.58 22.86
N ARG A 772 -2.33 9.11 23.95
CA ARG A 772 -1.56 9.44 25.14
C ARG A 772 -1.57 8.33 26.18
N GLN A 773 -2.65 7.55 26.27
CA GLN A 773 -2.70 6.51 27.28
C GLN A 773 -1.81 5.33 26.92
N ASN A 774 -1.62 5.07 25.62
CA ASN A 774 -0.94 3.85 25.16
C ASN A 774 0.56 4.13 25.04
N GLN A 775 1.16 4.32 26.20
CA GLN A 775 2.59 4.51 26.34
C GLN A 775 3.34 3.26 25.91
N GLY A 776 4.55 3.47 25.37
CA GLY A 776 5.41 2.37 25.00
C GLY A 776 6.54 2.15 26.00
N VAL A 777 7.30 1.08 25.75
CA VAL A 777 8.54 0.89 26.48
C VAL A 777 9.44 2.12 26.34
N GLY A 778 9.54 2.67 25.14
CA GLY A 778 10.39 3.82 24.93
C GLY A 778 9.92 5.10 25.61
N SER A 779 8.64 5.17 25.98
CA SER A 779 8.09 6.36 26.60
C SER A 779 7.64 6.12 28.04
N GLY A 780 8.05 5.02 28.66
CA GLY A 780 7.93 4.85 30.10
C GLY A 780 6.67 4.17 30.56
N ALA A 781 6.11 3.25 29.76
CA ALA A 781 4.98 2.45 30.21
C ALA A 781 5.29 1.78 31.54
N GLY A 782 4.37 1.92 32.49
CA GLY A 782 4.53 1.25 33.77
C GLY A 782 5.47 1.93 34.76
N VAL A 783 6.47 2.66 34.27
CA VAL A 783 7.52 3.21 35.11
C VAL A 783 7.50 4.74 35.18
N LEU A 784 6.97 5.43 34.16
CA LEU A 784 6.78 6.88 34.21
C LEU A 784 5.43 7.20 33.60
N PRO A 785 4.35 6.85 34.30
CA PRO A 785 3.02 6.99 33.70
C PRO A 785 2.64 8.45 33.55
N ASN A 786 1.91 8.76 32.48
CA ASN A 786 1.35 10.10 32.31
C ASN A 786 0.01 10.19 33.04
N GLU A 787 -0.62 11.35 32.97
CA GLU A 787 -1.82 11.57 33.77
C GLU A 787 -3.03 10.80 33.27
N LEU A 788 -2.98 10.18 32.10
CA LEU A 788 -4.18 9.53 31.57
C LEU A 788 -4.08 8.01 31.53
N THR A 789 -2.88 7.45 31.46
CA THR A 789 -2.78 6.03 31.20
C THR A 789 -3.29 5.22 32.39
N THR A 790 -3.79 4.03 32.07
CA THR A 790 -4.11 3.00 33.05
C THR A 790 -3.34 1.73 32.78
N LEU A 791 -2.23 1.81 32.05
CA LEU A 791 -1.38 0.66 31.81
C LEU A 791 -1.00 -0.03 33.11
N SER A 792 -1.28 -1.32 33.20
CA SER A 792 -0.91 -2.11 34.37
C SER A 792 0.52 -2.60 34.24
N ASP A 793 1.05 -3.12 35.36
CA ASP A 793 2.39 -3.70 35.32
C ASP A 793 2.45 -4.90 34.38
N ASP A 794 1.42 -5.74 34.40
CA ASP A 794 1.37 -6.88 33.50
C ASP A 794 1.45 -6.43 32.05
N GLN A 795 0.69 -5.40 31.70
CA GLN A 795 0.68 -4.90 30.34
C GLN A 795 2.06 -4.38 29.95
N ALA A 796 2.65 -3.56 30.83
CA ALA A 796 3.99 -3.04 30.57
C ALA A 796 4.96 -4.17 30.34
N ARG A 797 4.90 -5.21 31.19
CA ARG A 797 5.83 -6.32 31.06
C ARG A 797 5.57 -7.14 29.80
N HIS A 798 4.32 -7.15 29.34
CA HIS A 798 3.99 -7.75 28.05
C HIS A 798 4.72 -7.05 26.92
N LEU A 799 4.68 -5.72 26.90
CA LEU A 799 5.43 -4.96 25.91
C LEU A 799 6.92 -5.33 25.94
N ALA A 800 7.48 -5.53 27.13
CA ALA A 800 8.90 -5.86 27.23
C ALA A 800 9.18 -7.27 26.70
N ASP A 801 8.23 -8.19 26.83
CA ASP A 801 8.41 -9.50 26.18
C ASP A 801 8.48 -9.33 24.66
N LEU A 802 7.56 -8.57 24.08
CA LEU A 802 7.61 -8.35 22.64
C LEU A 802 8.91 -7.68 22.23
N THR A 803 9.41 -6.74 23.05
CA THR A 803 10.63 -6.02 22.69
C THR A 803 11.84 -6.94 22.74
N ARG A 804 11.96 -7.72 23.82
CA ARG A 804 13.05 -8.68 23.91
C ARG A 804 13.01 -9.66 22.74
N LEU A 805 11.83 -10.23 22.48
CA LEU A 805 11.63 -11.11 21.33
C LEU A 805 12.15 -10.47 20.06
N GLY A 806 11.81 -9.19 19.83
CA GLY A 806 12.25 -8.52 18.63
C GLY A 806 13.76 -8.31 18.60
N MET A 807 14.37 -8.04 19.75
CA MET A 807 15.82 -7.85 19.78
C MET A 807 16.56 -9.15 19.54
N ALA A 808 15.89 -10.29 19.66
CA ALA A 808 16.46 -11.58 19.28
C ALA A 808 15.95 -12.05 17.93
N GLY A 809 15.46 -11.10 17.11
CA GLY A 809 15.09 -11.37 15.74
C GLY A 809 13.68 -11.86 15.53
N ASN A 810 12.84 -11.84 16.55
CA ASN A 810 11.42 -12.23 16.46
C ASN A 810 11.21 -13.61 15.84
N LEU A 811 12.03 -14.57 16.25
CA LEU A 811 11.93 -15.95 15.78
C LEU A 811 10.78 -16.70 16.46
N ALA A 812 10.10 -17.53 15.69
CA ALA A 812 8.95 -18.27 16.24
C ALA A 812 9.38 -19.24 17.33
N ASP A 813 10.62 -19.73 17.29
CA ASP A 813 11.08 -20.78 18.20
C ASP A 813 12.17 -20.30 19.18
N PHE A 814 12.41 -18.99 19.28
CA PHE A 814 13.24 -18.49 20.35
C PHE A 814 12.49 -18.68 21.67
N VAL A 815 13.21 -19.11 22.71
CA VAL A 815 12.61 -19.45 23.99
C VAL A 815 13.08 -18.44 25.03
N LEU A 816 12.14 -17.72 25.62
CA LEU A 816 12.47 -16.76 26.66
C LEU A 816 11.54 -16.97 27.85
N ILE A 817 11.89 -16.30 28.96
CA ILE A 817 11.01 -16.22 30.13
C ILE A 817 10.07 -15.04 29.96
N ASP A 818 8.78 -15.28 30.11
CA ASP A 818 7.80 -14.23 29.82
C ASP A 818 7.47 -13.41 31.09
N LYS A 819 6.49 -12.52 30.94
CA LYS A 819 6.09 -11.57 31.98
C LYS A 819 5.62 -12.24 33.26
N ASP A 820 5.33 -13.55 33.23
CA ASP A 820 4.84 -14.27 34.40
C ASP A 820 5.85 -15.31 34.89
N GLY A 821 7.06 -15.29 34.35
CA GLY A 821 8.02 -16.32 34.69
C GLY A 821 7.83 -17.64 33.98
N ALA A 822 6.91 -17.72 33.01
CA ALA A 822 6.67 -18.93 32.24
C ALA A 822 7.64 -19.05 31.06
N VAL A 823 8.07 -20.29 30.79
CA VAL A 823 8.86 -20.56 29.59
C VAL A 823 7.95 -20.49 28.37
N LYS A 824 8.34 -19.68 27.40
CA LYS A 824 7.54 -19.49 26.19
C LYS A 824 8.44 -19.45 24.97
N ARG A 825 8.00 -20.12 23.90
CA ARG A 825 8.58 -19.92 22.59
C ARG A 825 8.10 -18.59 22.03
N GLY A 826 8.94 -17.98 21.19
CA GLY A 826 8.55 -16.73 20.54
C GLY A 826 7.15 -16.74 19.94
N SER A 827 6.77 -17.86 19.30
CA SER A 827 5.43 -17.91 18.72
C SER A 827 4.34 -17.90 19.78
N GLU A 828 4.69 -18.17 21.03
CA GLU A 828 3.70 -18.22 22.10
C GLU A 828 3.48 -16.88 22.77
N ILE A 829 4.25 -15.86 22.42
CA ILE A 829 3.98 -14.52 22.93
C ILE A 829 2.90 -13.89 22.07
N ASP A 830 1.83 -13.43 22.70
CA ASP A 830 0.69 -12.92 21.94
C ASP A 830 0.99 -11.56 21.33
N TYR A 831 0.53 -11.36 20.10
CA TYR A 831 0.49 -10.05 19.47
C TYR A 831 -0.90 -9.87 18.87
N ASN A 832 -1.81 -9.25 19.63
CA ASN A 832 -3.17 -8.95 19.19
C ASN A 832 -3.91 -10.18 18.65
N GLY A 833 -3.53 -11.36 19.12
CA GLY A 833 -4.17 -12.58 18.67
C GLY A 833 -3.22 -13.46 17.88
N ALA A 834 -2.38 -12.83 17.08
CA ALA A 834 -1.45 -13.56 16.25
C ALA A 834 -0.29 -14.07 17.10
N PRO A 835 0.43 -15.09 16.63
CA PRO A 835 1.70 -15.42 17.27
C PRO A 835 2.69 -14.29 17.07
N GLY A 836 3.44 -13.97 18.13
CA GLY A 836 4.35 -12.85 18.08
C GLY A 836 5.59 -13.11 17.25
N GLY A 837 6.43 -14.05 17.69
CA GLY A 837 7.59 -14.45 16.89
C GLY A 837 7.12 -15.32 15.74
N TYR A 838 7.59 -15.02 14.53
CA TYR A 838 7.09 -15.69 13.34
C TYR A 838 8.17 -16.13 12.36
N ALA A 839 9.42 -15.81 12.62
CA ALA A 839 10.50 -15.99 11.66
C ALA A 839 11.36 -17.18 12.02
N ALA A 840 12.21 -17.57 11.07
CA ALA A 840 13.19 -18.64 11.22
C ALA A 840 14.60 -18.10 11.36
N ASP A 841 14.87 -16.93 10.81
CA ASP A 841 16.15 -16.27 10.96
C ASP A 841 15.91 -14.79 11.17
N PRO A 842 16.79 -14.09 11.91
CA PRO A 842 16.59 -12.66 12.14
C PRO A 842 16.60 -11.84 10.84
N THR A 843 17.21 -12.37 9.78
CA THR A 843 17.23 -11.68 8.49
C THR A 843 15.89 -11.67 7.80
N GLU A 844 14.90 -12.41 8.29
CA GLU A 844 13.54 -12.36 7.77
C GLU A 844 12.68 -11.31 8.47
N VAL A 845 13.29 -10.53 9.36
CA VAL A 845 12.56 -9.61 10.23
C VAL A 845 13.22 -8.24 10.12
N VAL A 846 12.42 -7.23 9.82
CA VAL A 846 12.91 -5.85 9.77
C VAL A 846 12.29 -5.11 10.95
N ASN A 847 13.11 -4.79 11.94
CA ASN A 847 12.66 -4.04 13.10
C ASN A 847 12.71 -2.54 12.82
N TYR A 848 11.73 -1.81 13.37
CA TYR A 848 11.76 -0.35 13.33
C TYR A 848 10.87 0.24 14.40
N VAL A 849 11.10 1.52 14.68
CA VAL A 849 10.21 2.30 15.55
C VAL A 849 9.73 3.57 14.88
N SER A 850 10.10 3.84 13.64
CA SER A 850 9.53 4.95 12.89
C SER A 850 9.65 4.64 11.40
N LYS A 851 8.68 5.14 10.62
CA LYS A 851 8.59 4.89 9.18
C LYS A 851 7.89 6.08 8.56
N HIS A 852 7.88 6.14 7.21
CA HIS A 852 7.23 7.26 6.54
C HIS A 852 5.76 7.35 6.93
N ASP A 853 5.10 6.21 7.09
CA ASP A 853 3.68 6.21 7.42
C ASP A 853 3.47 6.14 8.94
N ASN A 854 2.39 6.79 9.39
CA ASN A 854 2.06 6.99 10.80
C ASN A 854 2.97 8.04 11.44
N GLN A 855 2.68 8.40 12.70
CA GLN A 855 3.39 9.48 13.38
C GLN A 855 4.88 9.16 13.55
N THR A 856 5.72 10.18 13.44
CA THR A 856 7.12 10.01 13.75
C THR A 856 7.29 9.57 15.21
N LEU A 857 8.43 8.91 15.46
CA LEU A 857 8.79 8.52 16.82
C LEU A 857 8.71 9.68 17.80
N TRP A 858 9.29 10.83 17.43
CA TRP A 858 9.28 11.98 18.32
C TRP A 858 7.86 12.45 18.62
N ASP A 859 6.98 12.41 17.61
CA ASP A 859 5.61 12.82 17.85
C ASP A 859 4.88 11.82 18.71
N MET A 860 5.23 10.53 18.59
CA MET A 860 4.65 9.56 19.52
C MET A 860 5.11 9.82 20.95
N ILE A 861 6.39 10.15 21.12
CA ILE A 861 6.90 10.42 22.45
C ILE A 861 6.24 11.68 23.01
N SER A 862 6.02 12.68 22.16
CA SER A 862 5.33 13.89 22.61
C SER A 862 3.88 13.60 23.04
N TYR A 863 3.19 12.71 22.31
CA TYR A 863 1.87 12.26 22.75
C TYR A 863 1.90 11.55 24.10
N LYS A 864 2.95 10.77 24.39
CA LYS A 864 2.88 9.78 25.46
C LYS A 864 3.71 10.11 26.71
N ALA A 865 4.68 11.02 26.60
CA ALA A 865 5.60 11.26 27.70
C ALA A 865 4.90 12.00 28.83
N ALA A 866 5.17 11.55 30.05
CA ALA A 866 4.64 12.24 31.23
C ALA A 866 5.10 13.69 31.25
N GLN A 867 4.24 14.55 31.81
CA GLN A 867 4.55 15.98 31.91
C GLN A 867 5.92 16.25 32.54
N GLU A 868 6.38 15.40 33.46
CA GLU A 868 7.64 15.66 34.16
C GLU A 868 8.88 15.17 33.42
N ALA A 869 8.73 14.49 32.29
CA ALA A 869 9.88 14.19 31.43
C ALA A 869 10.31 15.47 30.72
N ASP A 870 11.50 15.99 31.04
CA ASP A 870 11.92 17.24 30.43
C ASP A 870 12.43 16.98 29.01
N LEU A 871 12.88 18.05 28.35
CA LEU A 871 13.31 17.91 26.96
C LEU A 871 14.47 16.91 26.84
N ASP A 872 15.43 16.97 27.77
CA ASP A 872 16.57 16.07 27.69
C ASP A 872 16.14 14.63 27.91
N THR A 873 15.16 14.39 28.78
CA THR A 873 14.68 13.02 28.99
C THR A 873 13.96 12.49 27.75
N ARG A 874 13.24 13.34 27.03
CA ARG A 874 12.55 12.90 25.82
C ARG A 874 13.55 12.58 24.71
N VAL A 875 14.65 13.32 24.62
CA VAL A 875 15.68 12.96 23.66
C VAL A 875 16.25 11.57 23.99
N ARG A 876 16.45 11.28 25.28
CA ARG A 876 16.92 9.94 25.65
C ARG A 876 15.87 8.89 25.37
N MET A 877 14.59 9.25 25.53
CA MET A 877 13.52 8.33 25.14
C MET A 877 13.60 7.97 23.66
N GLN A 878 13.89 8.95 22.81
CA GLN A 878 14.04 8.68 21.38
C GLN A 878 15.21 7.72 21.16
N ALA A 879 16.35 8.00 21.80
CA ALA A 879 17.51 7.12 21.65
C ALA A 879 17.27 5.74 22.26
N VAL A 880 16.69 5.69 23.47
CA VAL A 880 16.36 4.40 24.07
C VAL A 880 15.43 3.60 23.15
N SER A 881 14.41 4.27 22.60
CA SER A 881 13.51 3.62 21.63
C SER A 881 14.31 3.05 20.46
N LEU A 882 15.13 3.89 19.82
CA LEU A 882 15.89 3.44 18.67
C LEU A 882 16.92 2.37 19.03
N ALA A 883 17.36 2.33 20.29
CA ALA A 883 18.36 1.35 20.69
C ALA A 883 17.82 -0.06 20.60
N THR A 884 16.52 -0.25 20.86
CA THR A 884 15.98 -1.59 20.74
C THR A 884 16.08 -2.09 19.31
N VAL A 885 16.05 -1.19 18.33
CA VAL A 885 16.17 -1.59 16.93
C VAL A 885 17.63 -1.79 16.56
N MET A 886 18.46 -0.77 16.84
CA MET A 886 19.85 -0.78 16.41
C MET A 886 20.69 -1.86 17.06
N LEU A 887 20.37 -2.27 18.30
CA LEU A 887 21.16 -3.28 18.99
C LEU A 887 20.49 -4.65 18.95
N GLY A 888 19.46 -4.80 18.12
CA GLY A 888 18.78 -6.07 17.95
C GLY A 888 19.33 -6.87 16.78
N GLN A 889 18.95 -8.15 16.75
CA GLN A 889 19.43 -9.09 15.76
C GLN A 889 18.66 -8.98 14.45
N GLY A 890 17.44 -8.46 14.49
CA GLY A 890 16.73 -8.16 13.26
C GLY A 890 17.41 -7.07 12.47
N ILE A 891 17.11 -7.05 11.15
CA ILE A 891 17.59 -5.97 10.29
C ILE A 891 17.05 -4.66 10.85
N ALA A 892 17.91 -3.66 10.95
CA ALA A 892 17.53 -2.38 11.52
C ALA A 892 17.03 -1.43 10.42
N PHE A 893 15.88 -0.82 10.68
CA PHE A 893 15.24 0.11 9.74
C PHE A 893 14.81 1.35 10.49
N ASP A 894 14.95 2.50 9.84
CA ASP A 894 14.59 3.73 10.49
C ASP A 894 14.19 4.79 9.46
N GLN A 895 13.35 5.71 9.91
CA GLN A 895 12.92 6.82 9.09
C GLN A 895 14.01 7.89 9.00
N GLN A 896 14.19 8.45 7.80
CA GLN A 896 15.07 9.60 7.61
C GLN A 896 14.76 10.68 8.64
N GLY A 897 15.79 11.09 9.38
CA GLY A 897 15.63 12.16 10.33
C GLY A 897 15.25 11.77 11.74
N SER A 898 15.15 10.47 12.05
CA SER A 898 14.98 10.11 13.46
C SER A 898 16.17 10.55 14.30
N GLU A 899 17.37 10.58 13.70
CA GLU A 899 18.55 11.10 14.39
C GLU A 899 18.45 12.59 14.63
N LEU A 900 17.46 13.25 14.02
CA LEU A 900 17.20 14.67 14.19
C LEU A 900 15.88 14.92 14.87
N LEU A 901 15.35 13.92 15.59
CA LEU A 901 14.11 14.08 16.36
C LEU A 901 12.97 14.48 15.45
N ARG A 902 12.99 13.98 14.22
CA ARG A 902 12.08 14.46 13.19
C ARG A 902 10.66 14.51 13.71
N SER A 903 9.99 15.61 13.41
CA SER A 903 8.58 15.81 13.72
C SER A 903 7.83 16.17 12.45
N LYS A 904 6.55 15.78 12.40
CA LYS A 904 5.64 16.21 11.34
C LYS A 904 4.47 17.02 11.92
N SER A 905 4.68 17.64 13.09
CA SER A 905 3.65 18.45 13.74
C SER A 905 2.43 17.62 14.09
N PHE A 906 2.66 16.36 14.48
CA PHE A 906 1.67 15.32 14.80
C PHE A 906 0.93 14.76 13.57
N THR A 907 1.30 15.16 12.34
CA THR A 907 0.67 14.57 11.15
C THR A 907 0.83 13.05 11.18
N ARG A 908 -0.29 12.33 11.14
CA ARG A 908 -0.19 10.87 11.08
C ARG A 908 0.18 10.38 9.67
N ASP A 909 -0.37 10.99 8.63
CA ASP A 909 -0.30 10.42 7.28
C ASP A 909 0.03 11.58 6.34
N SER A 910 1.32 11.78 6.09
CA SER A 910 1.82 13.00 5.47
C SER A 910 2.08 12.85 3.98
N TYR A 911 1.52 11.81 3.34
CA TYR A 911 1.84 11.49 1.95
C TYR A 911 1.67 12.67 1.02
N ASP A 912 0.72 13.57 1.33
CA ASP A 912 0.43 14.73 0.49
C ASP A 912 0.51 16.03 1.29
N SER A 913 1.22 16.01 2.42
CA SER A 913 1.30 17.15 3.32
C SER A 913 2.46 18.09 2.97
N GLY A 914 3.12 17.90 1.84
CA GLY A 914 4.00 18.90 1.27
C GLY A 914 5.35 19.04 1.94
N ASP A 915 6.11 19.99 1.41
CA ASP A 915 7.39 20.35 2.04
C ASP A 915 7.19 20.80 3.48
N TRP A 916 6.02 21.35 3.81
CA TRP A 916 5.86 22.03 5.09
C TRP A 916 5.88 21.06 6.27
N PHE A 917 4.98 20.07 6.25
CA PHE A 917 4.93 19.14 7.37
C PHE A 917 5.97 18.03 7.28
N ASN A 918 6.56 17.79 6.10
CA ASN A 918 7.58 16.77 5.94
C ASN A 918 8.99 17.33 6.03
N ARG A 919 9.13 18.63 6.31
CA ARG A 919 10.44 19.29 6.38
C ARG A 919 11.42 18.54 7.29
N VAL A 920 12.65 18.43 6.82
CA VAL A 920 13.79 17.94 7.59
C VAL A 920 14.89 18.99 7.43
N ASP A 921 15.37 19.53 8.55
CA ASP A 921 16.24 20.72 8.51
C ASP A 921 17.68 20.28 8.79
N TYR A 922 18.45 20.05 7.73
CA TYR A 922 19.84 19.65 7.88
C TYR A 922 20.75 20.79 8.34
N SER A 923 20.22 22.00 8.57
CA SER A 923 21.00 23.03 9.23
C SER A 923 20.83 22.96 10.75
N LEU A 924 19.96 22.06 11.24
CA LEU A 924 19.86 21.69 12.64
C LEU A 924 19.34 22.84 13.51
N GLN A 925 18.41 23.63 12.97
CA GLN A 925 17.81 24.68 13.78
C GLN A 925 16.64 24.16 14.61
N ASP A 926 15.87 23.22 14.08
CA ASP A 926 14.76 22.64 14.83
C ASP A 926 14.37 21.33 14.16
N ASN A 927 13.37 20.65 14.73
CA ASN A 927 12.99 19.32 14.30
C ASN A 927 11.64 19.32 13.57
N ASN A 928 11.19 20.50 13.13
CA ASN A 928 9.90 20.75 12.50
C ASN A 928 8.71 20.48 13.41
N TYR A 929 8.92 20.48 14.73
CA TYR A 929 7.84 20.35 15.68
C TYR A 929 7.11 21.68 15.85
N ASN A 930 5.79 21.60 16.09
CA ASN A 930 4.98 22.77 16.38
C ASN A 930 5.06 23.80 15.23
N VAL A 931 4.69 23.36 14.04
CA VAL A 931 4.62 24.26 12.89
C VAL A 931 3.19 24.35 12.35
N GLY A 932 2.21 23.96 13.14
CA GLY A 932 0.80 24.07 12.81
C GLY A 932 0.08 22.79 13.15
N MET A 933 -1.22 22.91 13.41
CA MET A 933 -2.03 21.71 13.56
C MET A 933 -1.95 20.89 12.28
N PRO A 934 -1.96 19.54 12.38
CA PRO A 934 -1.92 18.71 11.16
C PRO A 934 -3.22 18.76 10.38
N ARG A 935 -3.26 18.09 9.22
CA ARG A 935 -4.44 18.12 8.36
C ARG A 935 -5.67 17.61 9.12
N SER A 936 -6.73 18.42 9.13
CA SER A 936 -7.91 18.11 9.93
C SER A 936 -8.66 16.91 9.38
N SER A 937 -8.59 16.69 8.07
CA SER A 937 -9.33 15.60 7.45
C SER A 937 -8.88 14.25 7.99
N ASP A 938 -7.64 14.13 8.46
CA ASP A 938 -7.17 12.87 9.01
C ASP A 938 -6.89 12.91 10.51
N ASP A 939 -6.34 14.02 11.03
CA ASP A 939 -6.06 14.13 12.46
C ASP A 939 -7.03 15.05 13.20
N GLY A 940 -8.18 15.39 12.58
CA GLY A 940 -9.13 16.27 13.23
C GLY A 940 -9.57 15.75 14.59
N SER A 941 -9.79 14.44 14.69
CA SER A 941 -10.16 13.80 15.95
C SER A 941 -9.06 13.83 16.99
N ASN A 942 -7.91 14.42 16.70
CA ASN A 942 -6.78 14.43 17.60
C ASN A 942 -6.42 15.84 18.05
N TYR A 943 -7.18 16.84 17.61
CA TYR A 943 -6.82 18.22 17.92
C TYR A 943 -6.84 18.49 19.41
N ASP A 944 -7.80 17.90 20.14
CA ASP A 944 -7.86 18.16 21.58
C ASP A 944 -6.67 17.57 22.30
N ILE A 945 -6.39 16.28 22.06
CA ILE A 945 -5.24 15.66 22.71
C ILE A 945 -3.95 16.34 22.26
N ILE A 946 -3.88 16.81 21.01
CA ILE A 946 -2.69 17.52 20.54
C ILE A 946 -2.51 18.81 21.33
N ALA A 947 -3.59 19.58 21.49
CA ALA A 947 -3.53 20.84 22.22
C ALA A 947 -3.07 20.63 23.66
N ARG A 948 -3.58 19.58 24.30
N ARG A 948 -3.55 19.57 24.29
CA ARG A 948 -3.13 19.26 25.66
CA ARG A 948 -3.14 19.27 25.66
C ARG A 948 -1.62 19.04 25.68
C ARG A 948 -1.64 19.00 25.72
N VAL A 949 -1.14 18.07 24.89
CA VAL A 949 0.24 17.60 25.04
C VAL A 949 1.28 18.51 24.40
N LYS A 950 0.88 19.33 23.42
CA LYS A 950 1.86 19.88 22.47
C LYS A 950 2.91 20.74 23.16
N ASP A 951 2.50 21.57 24.11
CA ASP A 951 3.38 22.59 24.68
C ASP A 951 3.89 22.20 26.06
N ALA A 952 4.20 20.92 26.26
CA ALA A 952 4.66 20.46 27.57
C ALA A 952 6.12 20.84 27.82
N VAL A 953 6.95 20.77 26.79
CA VAL A 953 8.35 21.19 26.89
C VAL A 953 8.70 21.99 25.64
N ALA A 954 9.87 22.60 25.67
CA ALA A 954 10.33 23.39 24.55
C ALA A 954 10.45 22.54 23.28
N THR A 955 10.58 23.22 22.15
CA THR A 955 10.84 22.54 20.88
C THR A 955 12.35 22.30 20.75
N PRO A 956 12.77 21.11 20.32
CA PRO A 956 14.20 20.85 20.18
C PRO A 956 14.85 21.87 19.25
N GLY A 957 16.02 22.35 19.67
CA GLY A 957 16.83 23.22 18.85
C GLY A 957 18.17 22.57 18.57
N GLU A 958 19.18 23.37 18.25
CA GLU A 958 20.40 22.83 17.68
C GLU A 958 21.15 21.96 18.67
N THR A 959 21.07 22.29 19.96
CA THR A 959 21.77 21.51 20.97
C THR A 959 21.19 20.10 21.07
N GLU A 960 19.87 19.98 21.11
CA GLU A 960 19.27 18.65 21.20
C GLU A 960 19.48 17.85 19.92
N LEU A 961 19.40 18.50 18.76
CA LEU A 961 19.59 17.82 17.48
C LEU A 961 20.99 17.23 17.35
N LYS A 962 22.01 18.01 17.70
CA LYS A 962 23.38 17.46 17.69
C LYS A 962 23.53 16.34 18.69
N GLN A 963 22.88 16.45 19.85
CA GLN A 963 22.98 15.40 20.85
C GLN A 963 22.32 14.11 20.37
N MET A 964 21.11 14.24 19.79
CA MET A 964 20.43 13.07 19.24
C MET A 964 21.26 12.41 18.17
N THR A 965 21.87 13.20 17.28
CA THR A 965 22.65 12.61 16.20
C THR A 965 23.86 11.85 16.74
N ALA A 966 24.55 12.41 17.74
CA ALA A 966 25.65 11.69 18.38
C ALA A 966 25.15 10.38 19.01
N PHE A 967 24.04 10.44 19.77
CA PHE A 967 23.42 9.21 20.28
C PHE A 967 23.17 8.20 19.16
N TYR A 968 22.68 8.68 18.02
CA TYR A 968 22.31 7.81 16.91
C TYR A 968 23.53 7.15 16.30
N GLN A 969 24.53 7.94 15.93
CA GLN A 969 25.79 7.38 15.45
C GLN A 969 26.41 6.43 16.48
N GLU A 970 26.34 6.77 17.77
CA GLU A 970 26.80 5.86 18.81
C GLU A 970 26.09 4.51 18.69
N LEU A 971 24.76 4.52 18.54
CA LEU A 971 24.01 3.28 18.40
C LEU A 971 24.43 2.48 17.17
N THR A 972 24.59 3.16 16.02
CA THR A 972 24.92 2.43 14.80
C THR A 972 26.38 1.98 14.81
N ALA A 973 27.30 2.77 15.39
CA ALA A 973 28.67 2.29 15.52
C ALA A 973 28.74 1.07 16.44
N LEU A 974 27.89 1.04 17.47
CA LEU A 974 27.82 -0.14 18.31
C LEU A 974 27.29 -1.34 17.54
N ARG A 975 26.24 -1.15 16.73
CA ARG A 975 25.66 -2.26 15.98
C ARG A 975 26.69 -2.95 15.11
N LYS A 976 27.60 -2.19 14.51
CA LYS A 976 28.63 -2.73 13.63
C LYS A 976 29.96 -2.96 14.32
N SER A 977 30.04 -2.76 15.64
CA SER A 977 31.32 -2.99 16.31
C SER A 977 31.61 -4.46 16.55
N SER A 978 30.66 -5.35 16.28
CA SER A 978 30.95 -6.74 16.58
C SER A 978 30.03 -7.65 15.78
N PRO A 979 30.53 -8.74 15.23
CA PRO A 979 29.64 -9.72 14.59
C PRO A 979 28.56 -10.23 15.50
N LEU A 980 28.71 -10.09 16.83
CA LEU A 980 27.76 -10.68 17.76
C LEU A 980 26.38 -10.04 17.66
N PHE A 981 26.32 -8.75 17.35
CA PHE A 981 25.03 -8.07 17.20
C PHE A 981 24.24 -8.56 16.00
N THR A 982 24.91 -9.15 15.01
CA THR A 982 24.30 -9.43 13.70
C THR A 982 24.64 -10.86 13.27
N LEU A 983 24.13 -11.83 14.03
CA LEU A 983 24.50 -13.23 13.81
C LEU A 983 23.90 -13.78 12.52
N GLY A 984 22.77 -13.25 12.09
CA GLY A 984 22.20 -13.63 10.81
C GLY A 984 21.32 -14.86 10.86
N ASP A 985 21.79 -15.91 11.52
CA ASP A 985 21.15 -17.22 11.46
C ASP A 985 20.39 -17.54 12.74
N GLY A 986 19.14 -17.97 12.58
CA GLY A 986 18.25 -18.11 13.73
C GLY A 986 18.65 -19.18 14.72
N ALA A 987 19.35 -20.22 14.27
CA ALA A 987 19.83 -21.19 15.24
C ALA A 987 21.04 -20.65 15.98
N THR A 988 21.88 -19.86 15.30
CA THR A 988 22.97 -19.20 16.00
C THR A 988 22.45 -18.19 17.01
N VAL A 989 21.35 -17.51 16.68
CA VAL A 989 20.71 -16.60 17.63
C VAL A 989 20.34 -17.35 18.90
N MET A 990 19.71 -18.51 18.76
CA MET A 990 19.21 -19.25 19.91
C MET A 990 20.35 -19.75 20.78
N LYS A 991 21.46 -20.16 20.19
CA LYS A 991 22.55 -20.68 21.00
C LYS A 991 23.36 -19.59 21.69
N ARG A 992 23.18 -18.31 21.33
N ARG A 992 23.17 -18.32 21.33
CA ARG A 992 24.05 -17.27 21.83
CA ARG A 992 24.05 -17.28 21.82
C ARG A 992 23.34 -16.12 22.52
C ARG A 992 23.34 -16.12 22.52
N VAL A 993 22.02 -15.99 22.37
CA VAL A 993 21.28 -14.81 22.81
C VAL A 993 20.34 -15.21 23.94
N ASP A 994 20.46 -14.49 25.07
CA ASP A 994 19.62 -14.72 26.23
C ASP A 994 19.24 -13.36 26.84
N PHE A 995 18.38 -13.41 27.86
CA PHE A 995 17.97 -12.21 28.60
C PHE A 995 18.00 -12.45 30.11
N ARG A 996 18.47 -11.45 30.85
CA ARG A 996 18.27 -11.40 32.29
C ARG A 996 17.15 -10.40 32.62
N ASN A 997 16.88 -10.24 33.92
CA ASN A 997 15.82 -9.36 34.42
C ASN A 997 14.48 -9.68 33.76
N THR A 998 14.09 -10.96 33.86
CA THR A 998 12.83 -11.45 33.33
C THR A 998 11.94 -11.97 34.45
N GLY A 999 10.68 -12.17 34.16
CA GLY A 999 9.76 -12.73 35.12
C GLY A 999 8.89 -11.67 35.76
N ALA A 1000 7.94 -12.14 36.56
CA ALA A 1000 6.94 -11.25 37.15
C ALA A 1000 7.56 -10.19 38.05
N ASP A 1001 8.74 -10.46 38.62
CA ASP A 1001 9.43 -9.51 39.49
C ASP A 1001 10.64 -8.86 38.82
N GLN A 1002 10.61 -8.73 37.49
CA GLN A 1002 11.63 -7.97 36.79
C GLN A 1002 11.55 -6.49 37.16
N GLN A 1003 12.69 -5.80 37.05
CA GLN A 1003 12.68 -4.34 37.14
C GLN A 1003 12.08 -3.77 35.86
N THR A 1004 10.88 -3.21 35.96
CA THR A 1004 10.13 -2.84 34.77
C THR A 1004 10.93 -1.86 33.92
N GLY A 1005 11.00 -2.17 32.62
CA GLY A 1005 11.64 -1.30 31.66
C GLY A 1005 13.13 -1.49 31.49
N LEU A 1006 13.76 -2.35 32.28
CA LEU A 1006 15.17 -2.67 32.10
C LEU A 1006 15.29 -3.86 31.14
N LEU A 1007 15.90 -3.63 29.98
CA LEU A 1007 16.13 -4.67 28.98
C LEU A 1007 17.58 -5.11 29.12
N VAL A 1008 17.81 -6.38 29.42
CA VAL A 1008 19.17 -6.92 29.56
C VAL A 1008 19.31 -8.14 28.64
N MET A 1009 20.10 -8.01 27.58
CA MET A 1009 20.34 -9.08 26.62
C MET A 1009 21.79 -9.52 26.74
N THR A 1010 22.06 -10.82 26.66
CA THR A 1010 23.43 -11.30 26.57
C THR A 1010 23.64 -12.01 25.24
N ILE A 1011 24.80 -11.78 24.65
CA ILE A 1011 25.24 -12.46 23.44
C ILE A 1011 26.52 -13.21 23.75
N ASP A 1012 26.46 -14.53 23.68
CA ASP A 1012 27.53 -15.42 24.08
C ASP A 1012 28.59 -15.56 22.97
N ASP A 1013 29.85 -15.20 23.27
CA ASP A 1013 30.99 -15.58 22.43
C ASP A 1013 31.93 -16.53 23.15
N GLY A 1014 31.42 -17.25 24.15
CA GLY A 1014 32.25 -18.10 24.99
C GLY A 1014 32.39 -19.50 24.42
N MET A 1015 33.10 -20.34 25.20
CA MET A 1015 33.52 -21.67 24.74
C MET A 1015 32.34 -22.51 24.29
N GLN A 1016 31.21 -22.44 25.00
CA GLN A 1016 30.02 -23.15 24.58
C GLN A 1016 29.36 -22.42 23.40
N ALA A 1017 28.35 -23.07 22.80
CA ALA A 1017 27.64 -22.59 21.61
C ALA A 1017 28.50 -22.71 20.36
N GLY A 1018 29.70 -22.13 20.36
CA GLY A 1018 30.59 -22.30 19.24
C GLY A 1018 31.94 -21.61 19.36
N ALA A 1019 32.49 -21.19 18.22
CA ALA A 1019 33.79 -20.55 18.20
C ALA A 1019 33.66 -19.04 18.36
N SER A 1020 34.77 -18.42 18.76
CA SER A 1020 34.83 -16.98 18.97
C SER A 1020 34.71 -16.24 17.65
N LEU A 1021 33.47 -15.93 17.26
CA LEU A 1021 33.26 -15.01 16.14
C LEU A 1021 33.84 -13.63 16.40
N ASP A 1022 34.23 -13.34 17.64
CA ASP A 1022 34.75 -12.03 18.02
C ASP A 1022 36.01 -12.23 18.84
N SER A 1023 37.13 -11.73 18.31
CA SER A 1023 38.43 -11.95 18.91
C SER A 1023 38.72 -10.97 20.04
N ARG A 1024 37.95 -9.90 20.18
CA ARG A 1024 38.17 -8.98 21.29
C ARG A 1024 37.35 -9.29 22.52
N VAL A 1025 36.30 -10.10 22.42
CA VAL A 1025 35.39 -10.28 23.54
C VAL A 1025 34.95 -11.74 23.59
N ASP A 1026 34.66 -12.18 24.82
CA ASP A 1026 34.03 -13.48 25.05
C ASP A 1026 32.51 -13.37 25.20
N GLY A 1027 31.98 -12.16 25.29
CA GLY A 1027 30.54 -11.97 25.35
C GLY A 1027 30.20 -10.50 25.34
N ILE A 1028 28.93 -10.22 25.09
CA ILE A 1028 28.43 -8.84 25.09
C ILE A 1028 27.16 -8.78 25.92
N VAL A 1029 27.05 -7.72 26.74
CA VAL A 1029 25.84 -7.40 27.48
C VAL A 1029 25.27 -6.12 26.92
N VAL A 1030 24.01 -6.17 26.49
CA VAL A 1030 23.28 -4.98 26.07
C VAL A 1030 22.27 -4.66 27.16
N ALA A 1031 22.38 -3.45 27.73
CA ALA A 1031 21.48 -3.03 28.79
C ALA A 1031 20.82 -1.72 28.39
N ILE A 1032 19.50 -1.74 28.31
CA ILE A 1032 18.72 -0.56 27.98
C ILE A 1032 17.80 -0.33 29.16
N ASN A 1033 18.10 0.72 29.95
CA ASN A 1033 17.35 1.02 31.16
C ASN A 1033 16.34 2.11 30.82
N ALA A 1034 15.21 1.67 30.27
CA ALA A 1034 14.12 2.59 29.90
C ALA A 1034 13.28 2.90 31.14
N ALA A 1035 13.85 3.73 32.04
CA ALA A 1035 13.16 4.02 33.29
C ALA A 1035 13.78 5.28 33.93
N PRO A 1036 13.03 5.97 34.79
CA PRO A 1036 13.57 7.13 35.52
C PRO A 1036 14.48 6.78 36.70
N GLU A 1037 14.53 5.54 37.13
N GLU A 1037 14.54 5.53 37.12
CA GLU A 1037 15.37 5.15 38.25
CA GLU A 1037 15.34 5.13 38.28
C GLU A 1037 16.70 4.63 37.74
C GLU A 1037 16.67 4.55 37.82
N SER A 1038 17.75 4.92 38.50
CA SER A 1038 19.02 4.25 38.30
C SER A 1038 18.88 2.81 38.79
N ARG A 1039 19.51 1.88 38.09
CA ARG A 1039 19.35 0.47 38.36
C ARG A 1039 20.74 -0.17 38.45
N THR A 1040 20.83 -1.22 39.25
CA THR A 1040 22.09 -1.93 39.44
C THR A 1040 21.92 -3.38 39.00
N LEU A 1041 22.87 -3.88 38.23
CA LEU A 1041 22.88 -5.25 37.75
C LEU A 1041 23.87 -6.05 38.56
N GLN A 1042 23.41 -7.18 39.12
CA GLN A 1042 24.27 -8.10 39.84
C GLN A 1042 24.54 -9.39 39.07
N ASP A 1043 23.84 -9.61 37.96
CA ASP A 1043 23.95 -10.85 37.18
C ASP A 1043 25.37 -11.14 36.69
N PHE A 1044 26.29 -10.18 36.77
CA PHE A 1044 27.62 -10.39 36.23
C PHE A 1044 28.68 -10.11 37.28
N ALA A 1045 28.35 -10.26 38.56
CA ALA A 1045 29.33 -10.06 39.60
C ALA A 1045 30.49 -11.04 39.43
N GLY A 1046 31.71 -10.51 39.59
CA GLY A 1046 32.92 -11.29 39.52
C GLY A 1046 33.39 -11.61 38.12
N THR A 1047 32.75 -11.05 37.11
CA THR A 1047 32.83 -11.61 35.76
C THR A 1047 33.80 -10.88 34.84
N SER A 1048 34.48 -9.84 35.30
CA SER A 1048 35.46 -9.06 34.52
C SER A 1048 34.82 -8.17 33.45
N LEU A 1049 33.53 -7.86 33.60
CA LEU A 1049 32.78 -7.07 32.62
C LEU A 1049 33.36 -5.65 32.51
N GLN A 1050 33.25 -5.06 31.32
CA GLN A 1050 33.64 -3.66 31.16
C GLN A 1050 32.91 -2.99 30.00
N LEU A 1051 32.74 -1.68 30.13
CA LEU A 1051 32.03 -0.86 29.17
C LEU A 1051 32.77 -0.86 27.82
N SER A 1052 32.00 -0.77 26.74
CA SER A 1052 32.57 -0.73 25.40
C SER A 1052 33.42 0.52 25.19
N ALA A 1053 34.45 0.36 24.36
CA ALA A 1053 35.34 1.48 24.07
C ALA A 1053 34.61 2.63 23.38
N ILE A 1054 33.64 2.31 22.50
CA ILE A 1054 32.87 3.36 21.81
C ILE A 1054 32.18 4.26 22.83
N GLN A 1055 31.45 3.66 23.78
CA GLN A 1055 30.74 4.45 24.76
C GLN A 1055 31.70 5.19 25.71
N GLN A 1056 32.81 4.54 26.08
CA GLN A 1056 33.84 5.24 26.83
C GLN A 1056 34.35 6.46 26.09
N ALA A 1057 34.67 6.31 24.80
CA ALA A 1057 35.17 7.43 24.02
C ALA A 1057 34.20 8.61 24.02
N ALA A 1058 32.89 8.36 23.91
CA ALA A 1058 31.93 9.47 23.83
C ALA A 1058 31.84 10.26 25.14
N GLY A 1059 32.31 9.70 26.26
CA GLY A 1059 32.42 10.49 27.48
C GLY A 1059 31.09 11.03 27.98
N ASP A 1060 31.01 12.35 28.15
CA ASP A 1060 29.79 12.96 28.66
C ASP A 1060 28.65 12.91 27.64
N ARG A 1061 28.97 12.67 26.38
CA ARG A 1061 27.98 12.63 25.32
C ARG A 1061 27.39 11.24 25.11
N SER A 1062 27.81 10.23 25.87
CA SER A 1062 27.39 8.86 25.62
C SER A 1062 26.02 8.59 26.21
N LEU A 1063 25.31 7.66 25.57
CA LEU A 1063 24.10 7.09 26.15
C LEU A 1063 24.37 6.43 27.48
N ALA A 1064 25.62 5.97 27.69
CA ALA A 1064 26.05 5.31 28.91
C ALA A 1064 26.80 6.27 29.84
N SER A 1065 26.67 7.57 29.65
CA SER A 1065 27.38 8.51 30.50
C SER A 1065 26.94 8.35 31.96
N GLY A 1066 27.89 8.20 32.86
CA GLY A 1066 27.57 7.93 34.25
C GLY A 1066 27.49 6.46 34.61
N VAL A 1067 27.56 5.55 33.64
CA VAL A 1067 27.57 4.13 33.97
C VAL A 1067 28.77 3.82 34.87
N GLN A 1068 28.58 2.95 35.84
CA GLN A 1068 29.65 2.57 36.76
C GLN A 1068 29.77 1.05 36.73
N VAL A 1069 30.97 0.56 36.47
CA VAL A 1069 31.27 -0.85 36.67
C VAL A 1069 32.18 -0.95 37.88
N ALA A 1070 31.70 -1.63 38.93
CA ALA A 1070 32.45 -1.76 40.17
C ALA A 1070 33.53 -2.82 40.03
N ALA A 1071 34.44 -2.85 41.02
CA ALA A 1071 35.52 -3.83 40.99
C ALA A 1071 34.97 -5.26 40.95
N ASP A 1072 33.89 -5.51 41.67
CA ASP A 1072 33.27 -6.83 41.73
C ASP A 1072 32.36 -7.15 40.54
N GLY A 1073 32.27 -6.28 39.53
CA GLY A 1073 31.51 -6.60 38.34
C GLY A 1073 30.04 -6.22 38.37
N SER A 1074 29.56 -5.63 39.46
CA SER A 1074 28.22 -5.09 39.46
C SER A 1074 28.19 -3.82 38.61
N VAL A 1075 27.05 -3.57 37.98
CA VAL A 1075 26.92 -2.46 37.04
C VAL A 1075 25.74 -1.60 37.47
N THR A 1076 25.99 -0.31 37.66
CA THR A 1076 24.95 0.67 37.98
C THR A 1076 24.63 1.46 36.72
N LEU A 1077 23.36 1.44 36.31
CA LEU A 1077 22.91 2.08 35.07
C LEU A 1077 22.14 3.35 35.37
N PRO A 1078 22.50 4.48 34.78
CA PRO A 1078 21.67 5.68 34.96
C PRO A 1078 20.25 5.48 34.44
N ALA A 1079 19.38 6.40 34.83
CA ALA A 1079 18.06 6.46 34.23
C ALA A 1079 18.16 6.73 32.73
N TRP A 1080 17.26 6.14 31.96
CA TRP A 1080 17.16 6.42 30.53
C TRP A 1080 18.52 6.30 29.83
N SER A 1081 19.20 5.18 30.08
CA SER A 1081 20.54 4.96 29.53
C SER A 1081 20.56 3.70 28.67
N VAL A 1082 21.59 3.62 27.83
CA VAL A 1082 21.89 2.44 27.03
C VAL A 1082 23.36 2.12 27.24
N ALA A 1083 23.67 0.89 27.64
CA ALA A 1083 25.03 0.48 27.96
C ALA A 1083 25.36 -0.82 27.24
N VAL A 1084 26.50 -0.82 26.55
CA VAL A 1084 26.98 -2.03 25.89
C VAL A 1084 28.25 -2.44 26.61
N LEU A 1085 28.23 -3.62 27.22
CA LEU A 1085 29.33 -4.15 28.01
C LEU A 1085 29.85 -5.42 27.36
N GLU A 1086 31.17 -5.65 27.49
CA GLU A 1086 31.88 -6.77 26.92
C GLU A 1086 32.75 -7.44 27.97
N LEU A 1087 32.85 -8.77 27.91
CA LEU A 1087 33.88 -9.50 28.66
C LEU A 1087 35.11 -9.63 27.80
N PRO A 1088 36.21 -8.93 28.10
CA PRO A 1088 37.38 -8.99 27.21
C PRO A 1088 37.92 -10.41 27.12
N GLN A 1089 38.57 -10.70 26.01
CA GLN A 1089 39.02 -12.05 25.70
C GLN A 1089 40.54 -12.15 25.85
N GLY A 1090 41.00 -13.26 26.39
CA GLY A 1090 42.41 -13.46 26.66
C GLY A 1090 43.13 -14.17 25.52
N GLU A 1091 44.31 -14.70 25.85
CA GLU A 1091 45.10 -15.44 24.87
C GLU A 1091 44.35 -16.67 24.36
N SER A 1092 43.45 -17.21 25.17
CA SER A 1092 42.50 -18.21 24.71
C SER A 1092 41.09 -17.65 24.84
N GLN A 1093 40.11 -18.46 24.44
CA GLN A 1093 38.71 -18.06 24.42
C GLN A 1093 38.09 -18.36 25.77
N GLY A 1094 37.68 -17.31 26.48
CA GLY A 1094 37.02 -17.44 27.77
C GLY A 1094 35.73 -18.25 27.80
N ALA A 1095 35.07 -18.24 28.96
CA ALA A 1095 33.80 -18.96 29.13
C ALA A 1095 32.61 -18.15 28.66
N GLY A 1096 32.75 -16.82 28.59
CA GLY A 1096 31.71 -16.00 27.99
C GLY A 1096 30.46 -15.95 28.83
N LEU A 1097 29.31 -15.92 28.15
CA LEU A 1097 28.00 -15.77 28.77
C LEU A 1097 27.11 -16.90 28.29
N PRO A 1098 27.35 -18.12 28.77
CA PRO A 1098 26.61 -19.29 28.26
C PRO A 1098 25.12 -19.09 28.35
N VAL A 1099 24.44 -19.36 27.24
CA VAL A 1099 22.98 -19.36 27.24
C VAL A 1099 22.49 -20.50 28.12
N SER A 1100 21.33 -20.29 28.74
CA SER A 1100 20.75 -21.30 29.64
C SER A 1100 19.64 -22.04 28.91
N SER A 1101 19.63 -23.36 29.07
CA SER A 1101 18.58 -24.20 28.48
C SER A 1101 17.36 -24.12 29.37
N LYS A 1102 16.28 -23.55 28.84
CA LYS A 1102 15.09 -23.29 29.62
C LYS A 1102 14.05 -24.38 29.39
C1 GLC B . -30.91 -8.69 19.73
C2 GLC B . -30.61 -9.39 18.40
C3 GLC B . -31.66 -9.12 17.32
C4 GLC B . -33.10 -9.11 17.85
C5 GLC B . -33.13 -8.28 19.13
C6 GLC B . -34.51 -8.13 19.74
O1 GLC B . -30.64 -7.28 19.61
O2 GLC B . -29.33 -8.97 17.91
O3 GLC B . -31.53 -10.15 16.33
O4 GLC B . -33.99 -8.55 16.85
O5 GLC B . -32.27 -8.88 20.08
O6 GLC B . -34.38 -7.42 20.99
C1 GLC B . -35.08 -9.47 16.52
C2 GLC B . -35.00 -9.88 15.04
C3 GLC B . -35.18 -8.67 14.15
C4 GLC B . -36.55 -8.04 14.41
C5 GLC B . -36.79 -7.80 15.91
C6 GLC B . -38.27 -7.48 16.19
O2 GLC B . -33.77 -10.54 14.75
O3 GLC B . -35.02 -9.03 12.77
O4 GLC B . -36.61 -6.80 13.70
O5 GLC B . -36.40 -8.91 16.74
O6 GLC B . -39.13 -8.18 15.28
C1 GLC B . -37.71 -6.77 12.75
C2 GLC B . -37.23 -6.37 11.35
C3 GLC B . -36.56 -4.99 11.41
C4 GLC B . -37.52 -3.98 12.06
C5 GLC B . -38.17 -4.52 13.36
C6 GLC B . -39.29 -3.61 13.86
O2 GLC B . -36.32 -7.35 10.81
O3 GLC B . -36.13 -4.57 10.11
O4 GLC B . -36.83 -2.76 12.38
O5 GLC B . -38.71 -5.83 13.16
O6 GLC B . -38.79 -2.70 14.84
C1 GLC B . -37.31 -1.70 11.51
C2 GLC B . -36.12 -1.04 10.83
C3 GLC B . -35.30 -0.20 11.80
C4 GLC B . -36.21 0.76 12.58
C5 GLC B . -37.30 -0.07 13.26
C6 GLC B . -38.21 0.76 14.18
O2 GLC B . -35.30 -2.05 10.21
O3 GLC B . -34.29 0.53 11.09
O4 GLC B . -35.47 1.54 13.53
O5 GLC B . -38.07 -0.71 12.24
O6 GLC B . -38.84 1.82 13.45
CA CA C . 1.09 17.22 -3.50
CA CA D . 5.54 10.89 -12.94
CA CA E . -39.08 9.19 -13.54
CA CA F . 35.67 -14.62 21.75
CA CA G . -11.94 -11.78 -2.33
C1 PEG H . 34.77 -5.93 37.25
O1 PEG H . 34.09 -5.99 35.99
C2 PEG H . 36.17 -5.34 37.13
O2 PEG H . 36.09 -3.95 36.82
C3 PEG H . 37.26 -3.47 36.15
C4 PEG H . 36.90 -2.22 35.35
O4 PEG H . 35.84 -2.53 34.44
C1 PEG I . 0.50 -3.08 11.25
O1 PEG I . -0.08 -3.64 12.45
C2 PEG I . -0.13 -1.74 10.89
O2 PEG I . 0.52 -1.17 9.75
C3 PEG I . 0.68 0.25 9.92
C4 PEG I . 0.31 0.99 8.64
O4 PEG I . -1.08 0.80 8.38
C1 GOL J . 11.34 27.82 8.22
O1 GOL J . 11.27 28.93 7.36
C2 GOL J . 9.93 27.45 8.66
O2 GOL J . 9.22 28.62 9.05
C3 GOL J . 9.97 26.50 9.84
O3 GOL J . 8.65 26.23 10.27
C1 GOL K . 30.29 3.38 -18.95
O1 GOL K . 30.76 2.60 -17.86
C2 GOL K . 30.76 4.83 -18.71
O2 GOL K . 32.07 4.80 -18.15
C3 GOL K . 30.72 5.62 -20.03
O3 GOL K . 30.06 6.85 -19.84
C1 GOL L . 1.00 -15.61 27.28
O1 GOL L . 0.10 -15.46 26.18
C2 GOL L . 2.29 -14.85 27.00
O2 GOL L . 2.78 -14.21 28.17
C3 GOL L . 2.07 -13.83 25.89
O3 GOL L . 0.75 -13.33 25.91
C1 GOL M . -3.14 7.19 -1.16
O1 GOL M . -3.64 7.50 -2.44
C2 GOL M . -1.65 6.86 -1.24
O2 GOL M . -1.27 6.70 -2.59
C3 GOL M . -1.34 5.61 -0.45
O3 GOL M . -1.72 5.83 0.90
C1 GOL N . 25.05 2.76 42.95
O1 GOL N . 23.76 3.36 43.11
C2 GOL N . 26.05 3.39 43.92
O2 GOL N . 26.76 2.38 44.62
C3 GOL N . 26.98 4.31 43.12
O3 GOL N . 26.36 5.56 42.86
#